data_2OEM
#
_entry.id   2OEM
#
_cell.length_a   130.354
_cell.length_b   59.806
_cell.length_c   109.348
_cell.angle_alpha   90.00
_cell.angle_beta   103.54
_cell.angle_gamma   90.00
#
_symmetry.space_group_name_H-M   'C 1 2 1'
#
loop_
_entity.id
_entity.type
_entity.pdbx_description
1 polymer '2,3-diketo-5-methylthiopentyl-1-phosphate enolase'
2 non-polymer 'MAGNESIUM ION'
3 non-polymer '(1Z)-2-HYDROXY-3-OXOHEX-1-EN-1-YL DIHYDROGEN PHOSPHATE'
4 water water
#
_entity_poly.entity_id   1
_entity_poly.type   'polypeptide(L)'
_entity_poly.pdbx_seq_one_letter_code
;MSAVMATYLLHDETDIRKKAEGIALGLTIGTWTDLPALEQEQLRKHKGEVVAIEELGESERVNAYFGKRLKRAIVKIAYP
TVNFSADLPALLVTTFGKLSLDGEVRLLDLEFPDEWKRQFPGPRFGIDGIRDRVGVHNRPLLMSIFKGMIGRDLAYLTSE
LKKQALGGVDLV(KCX)DDEILFDSELLPFEKRITEGKAALQEVYEQTGKRTLYAVNLTGKTFALKDKAKRAAELGADVL
LFNVFAYGLDVLQALREDEEIAVPIMAHPAFSGAVTPSEFYGVAPSLWLGKLLRLAGADFVLFPSPYGSVALEREQALGI
ARALTDDQEPFARAFPVPSAGIHPGLVPLIIRDFGLDTIVNAGGGIHGHPDGAIGGGRAFRAAIDAVLAGRPLRAAAAEN
EALQKAIDRWGVVEVEA
;
_entity_poly.pdbx_strand_id   A,B
#
# COMPACT_ATOMS: atom_id res chain seq x y z
N SER A 2 -1.99 20.74 -19.23
CA SER A 2 -1.81 20.34 -17.81
C SER A 2 -1.88 18.83 -17.68
N ALA A 3 -0.74 18.21 -17.36
CA ALA A 3 -0.70 16.77 -17.22
C ALA A 3 0.36 16.34 -16.21
N VAL A 4 0.10 15.23 -15.55
CA VAL A 4 1.05 14.67 -14.60
C VAL A 4 1.91 13.74 -15.44
N MET A 5 3.22 13.92 -15.40
CA MET A 5 4.11 13.07 -16.19
C MET A 5 4.71 12.01 -15.30
N ALA A 6 4.43 10.75 -15.62
CA ALA A 6 4.96 9.64 -14.85
C ALA A 6 6.16 9.05 -15.58
N THR A 7 7.19 8.69 -14.83
CA THR A 7 8.40 8.11 -15.38
C THR A 7 8.48 6.67 -14.88
N TYR A 8 8.60 5.72 -15.81
CA TYR A 8 8.66 4.31 -15.46
C TYR A 8 9.89 3.62 -16.01
N LEU A 9 10.25 2.50 -15.39
CA LEU A 9 11.34 1.67 -15.84
C LEU A 9 10.62 0.40 -16.31
N LEU A 10 10.81 0.02 -17.56
CA LEU A 10 10.17 -1.17 -18.10
C LEU A 10 11.19 -2.20 -18.56
N HIS A 11 10.83 -3.46 -18.38
CA HIS A 11 11.65 -4.59 -18.83
C HIS A 11 10.63 -5.39 -19.63
N ASP A 12 10.95 -5.72 -20.87
CA ASP A 12 10.01 -6.50 -21.68
C ASP A 12 10.69 -7.18 -22.85
N GLU A 13 10.16 -8.32 -23.25
CA GLU A 13 10.72 -9.05 -24.38
C GLU A 13 10.06 -8.57 -25.66
N THR A 14 8.99 -7.78 -25.51
CA THR A 14 8.27 -7.25 -26.67
C THR A 14 8.55 -5.75 -26.84
N ASP A 15 8.12 -5.21 -27.98
CA ASP A 15 8.32 -3.80 -28.30
C ASP A 15 7.86 -2.88 -27.17
N ILE A 16 8.82 -2.16 -26.57
CA ILE A 16 8.49 -1.26 -25.48
C ILE A 16 7.70 -0.03 -25.91
N ARG A 17 8.02 0.52 -27.07
CA ARG A 17 7.27 1.69 -27.54
C ARG A 17 5.81 1.32 -27.77
N LYS A 18 5.58 0.13 -28.31
CA LYS A 18 4.21 -0.32 -28.55
C LYS A 18 3.47 -0.40 -27.21
N LYS A 19 4.11 -0.99 -26.20
CA LYS A 19 3.50 -1.11 -24.90
C LYS A 19 3.25 0.26 -24.28
N ALA A 20 4.23 1.15 -24.38
CA ALA A 20 4.11 2.50 -23.84
C ALA A 20 2.93 3.24 -24.48
N GLU A 21 2.81 3.13 -25.80
CA GLU A 21 1.72 3.80 -26.50
C GLU A 21 0.38 3.19 -26.10
N GLY A 22 0.37 1.88 -25.86
CA GLY A 22 -0.83 1.20 -25.45
C GLY A 22 -1.27 1.65 -24.07
N ILE A 23 -0.29 1.93 -23.21
CA ILE A 23 -0.59 2.39 -21.86
C ILE A 23 -1.17 3.81 -21.90
N ALA A 24 -0.47 4.70 -22.59
CA ALA A 24 -0.90 6.09 -22.73
C ALA A 24 -2.33 6.22 -23.24
N LEU A 25 -2.68 5.39 -24.22
CA LEU A 25 -4.02 5.43 -24.80
C LEU A 25 -5.01 4.61 -23.98
N GLY A 26 -4.65 3.37 -23.68
CA GLY A 26 -5.52 2.49 -22.93
C GLY A 26 -5.92 3.02 -21.56
N LEU A 27 -4.97 3.65 -20.87
CA LEU A 27 -5.23 4.17 -19.55
C LEU A 27 -5.75 5.61 -19.50
N THR A 28 -6.18 6.13 -20.64
CA THR A 28 -6.78 7.46 -20.66
C THR A 28 -8.12 7.33 -21.39
N ILE A 29 -8.15 7.59 -22.69
CA ILE A 29 -9.42 7.52 -23.42
C ILE A 29 -9.82 6.16 -24.00
N GLY A 30 -8.92 5.17 -23.93
CA GLY A 30 -9.24 3.84 -24.43
C GLY A 30 -8.89 3.64 -25.89
N THR A 31 -9.66 4.28 -26.76
CA THR A 31 -9.41 4.19 -28.20
C THR A 31 -9.48 5.59 -28.78
N TRP A 32 -8.95 5.76 -29.98
CA TRP A 32 -8.95 7.06 -30.60
C TRP A 32 -9.31 7.05 -32.09
N THR A 33 -8.68 6.18 -32.86
CA THR A 33 -8.94 6.12 -34.30
C THR A 33 -10.35 5.69 -34.71
N ASP A 34 -11.08 5.06 -33.81
CA ASP A 34 -12.44 4.61 -34.12
C ASP A 34 -13.50 5.62 -33.66
N LEU A 35 -13.04 6.79 -33.24
CA LEU A 35 -13.93 7.85 -32.77
C LEU A 35 -14.36 8.83 -33.84
N PRO A 36 -15.65 9.24 -33.82
CA PRO A 36 -16.18 10.20 -34.79
C PRO A 36 -15.50 11.56 -34.61
N ALA A 37 -15.63 12.42 -35.62
CA ALA A 37 -15.02 13.74 -35.60
C ALA A 37 -15.27 14.53 -34.31
N LEU A 38 -16.55 14.78 -34.01
CA LEU A 38 -16.92 15.54 -32.82
C LEU A 38 -16.43 14.93 -31.52
N GLU A 39 -16.33 13.61 -31.47
CA GLU A 39 -15.87 12.93 -30.27
C GLU A 39 -14.37 13.08 -30.06
N GLN A 40 -13.61 13.15 -31.15
CA GLN A 40 -12.16 13.32 -31.05
C GLN A 40 -11.82 14.69 -30.51
N GLU A 41 -12.53 15.72 -30.99
CA GLU A 41 -12.27 17.08 -30.53
C GLU A 41 -12.74 17.24 -29.09
N GLN A 42 -13.67 16.38 -28.69
CA GLN A 42 -14.23 16.40 -27.35
C GLN A 42 -13.31 15.70 -26.35
N LEU A 43 -12.63 14.65 -26.80
CA LEU A 43 -11.75 13.88 -25.94
C LEU A 43 -10.27 14.16 -26.09
N ARG A 44 -9.91 15.03 -27.02
CA ARG A 44 -8.51 15.38 -27.26
C ARG A 44 -7.79 15.77 -25.96
N LYS A 45 -8.43 16.61 -25.16
CA LYS A 45 -7.84 17.07 -23.90
C LYS A 45 -7.62 15.95 -22.87
N HIS A 46 -8.26 14.80 -23.09
CA HIS A 46 -8.13 13.67 -22.17
C HIS A 46 -7.15 12.60 -22.66
N LYS A 47 -6.62 12.77 -23.86
CA LYS A 47 -5.71 11.79 -24.45
C LYS A 47 -4.30 11.79 -23.86
N GLY A 48 -3.88 10.64 -23.36
CA GLY A 48 -2.55 10.52 -22.80
C GLY A 48 -1.54 10.45 -23.93
N GLU A 49 -0.27 10.71 -23.62
CA GLU A 49 0.76 10.69 -24.64
C GLU A 49 2.09 10.21 -24.10
N VAL A 50 2.83 9.47 -24.92
CA VAL A 50 4.16 9.01 -24.54
C VAL A 50 5.05 10.23 -24.79
N VAL A 51 5.67 10.74 -23.72
CA VAL A 51 6.52 11.92 -23.82
C VAL A 51 7.93 11.56 -24.28
N ALA A 52 8.44 10.45 -23.79
CA ALA A 52 9.80 10.05 -24.15
C ALA A 52 10.10 8.61 -23.79
N ILE A 53 11.06 8.03 -24.50
CA ILE A 53 11.49 6.67 -24.26
C ILE A 53 13.00 6.63 -24.35
N GLU A 54 13.66 6.28 -23.25
CA GLU A 54 15.11 6.19 -23.24
C GLU A 54 15.50 4.71 -23.20
N GLU A 55 16.08 4.22 -24.28
CA GLU A 55 16.50 2.82 -24.34
C GLU A 55 17.75 2.63 -23.49
N LEU A 56 17.75 1.58 -22.67
CA LEU A 56 18.89 1.31 -21.79
C LEU A 56 19.74 0.13 -22.25
N GLY A 57 19.21 -0.68 -23.15
CA GLY A 57 19.95 -1.85 -23.60
C GLY A 57 19.71 -3.00 -22.65
N GLU A 58 19.96 -4.22 -23.12
CA GLU A 58 19.75 -5.41 -22.32
C GLU A 58 20.82 -5.66 -21.28
N SER A 59 20.44 -6.32 -20.19
CA SER A 59 21.35 -6.67 -19.10
C SER A 59 21.46 -8.18 -19.03
N GLU A 60 22.69 -8.68 -19.13
CA GLU A 60 22.91 -10.13 -19.08
C GLU A 60 22.43 -10.69 -17.75
N ARG A 61 22.72 -9.97 -16.68
CA ARG A 61 22.32 -10.39 -15.33
C ARG A 61 20.80 -10.54 -15.24
N VAL A 62 20.07 -9.56 -15.76
CA VAL A 62 18.62 -9.59 -15.73
C VAL A 62 18.08 -10.69 -16.65
N ASN A 63 18.66 -10.80 -17.84
CA ASN A 63 18.27 -11.82 -18.82
C ASN A 63 18.40 -13.21 -18.21
N ALA A 64 19.54 -13.45 -17.56
CA ALA A 64 19.81 -14.74 -16.94
C ALA A 64 18.77 -15.05 -15.87
N TYR A 65 18.46 -14.05 -15.06
CA TYR A 65 17.47 -14.21 -14.01
C TYR A 65 16.11 -14.60 -14.56
N PHE A 66 15.66 -13.89 -15.58
CA PHE A 66 14.36 -14.16 -16.21
C PHE A 66 14.40 -15.29 -17.23
N GLY A 67 15.59 -15.68 -17.65
CA GLY A 67 15.71 -16.74 -18.63
C GLY A 67 15.18 -16.31 -19.99
N LYS A 68 15.14 -15.00 -20.20
CA LYS A 68 14.65 -14.44 -21.45
C LYS A 68 15.43 -13.18 -21.75
N ARG A 69 15.31 -12.69 -22.98
CA ARG A 69 15.99 -11.45 -23.37
C ARG A 69 15.00 -10.31 -23.15
N LEU A 70 15.29 -9.48 -22.15
CA LEU A 70 14.41 -8.37 -21.83
C LEU A 70 14.98 -7.01 -22.19
N LYS A 71 14.27 -6.29 -23.06
CA LYS A 71 14.69 -4.96 -23.45
C LYS A 71 14.38 -4.08 -22.24
N ARG A 72 15.17 -3.04 -22.04
CA ARG A 72 14.94 -2.14 -20.91
C ARG A 72 14.83 -0.70 -21.38
N ALA A 73 13.98 0.07 -20.71
CA ALA A 73 13.82 1.47 -21.08
C ALA A 73 13.13 2.29 -20.00
N ILE A 74 13.41 3.58 -20.01
CA ILE A 74 12.81 4.53 -19.10
C ILE A 74 11.73 5.21 -19.96
N VAL A 75 10.48 5.06 -19.56
CA VAL A 75 9.36 5.61 -20.31
C VAL A 75 8.64 6.71 -19.55
N LYS A 76 8.34 7.80 -20.25
CA LYS A 76 7.64 8.93 -19.65
C LYS A 76 6.28 9.09 -20.33
N ILE A 77 5.23 9.07 -19.52
CA ILE A 77 3.87 9.20 -20.04
C ILE A 77 3.15 10.35 -19.36
N ALA A 78 2.42 11.13 -20.16
CA ALA A 78 1.66 12.27 -19.66
C ALA A 78 0.17 11.95 -19.56
N TYR A 79 -0.37 12.13 -18.36
CA TYR A 79 -1.79 11.90 -18.09
C TYR A 79 -2.45 13.24 -17.79
N PRO A 80 -3.38 13.69 -18.65
CA PRO A 80 -4.06 14.97 -18.43
C PRO A 80 -4.71 15.04 -17.05
N THR A 81 -4.49 16.15 -16.34
CA THR A 81 -5.05 16.29 -15.01
C THR A 81 -6.58 16.36 -15.01
N VAL A 82 -7.18 16.69 -16.16
CA VAL A 82 -8.64 16.75 -16.23
C VAL A 82 -9.25 15.35 -16.23
N ASN A 83 -8.39 14.33 -16.24
CA ASN A 83 -8.85 12.93 -16.24
C ASN A 83 -9.15 12.37 -14.86
N PHE A 84 -8.69 13.05 -13.81
CA PHE A 84 -8.92 12.54 -12.47
C PHE A 84 -9.10 13.63 -11.44
N SER A 85 -9.68 13.28 -10.30
CA SER A 85 -9.89 14.23 -9.23
C SER A 85 -8.56 14.58 -8.55
N ALA A 86 -8.50 15.75 -7.93
CA ALA A 86 -7.28 16.19 -7.27
C ALA A 86 -7.08 15.56 -5.91
N ASP A 87 -6.75 14.28 -5.89
CA ASP A 87 -6.49 13.57 -4.65
C ASP A 87 -5.49 12.46 -4.94
N LEU A 88 -4.74 12.08 -3.92
CA LEU A 88 -3.70 11.07 -4.08
C LEU A 88 -4.19 9.69 -4.50
N PRO A 89 -5.34 9.23 -3.98
CA PRO A 89 -5.78 7.91 -4.43
C PRO A 89 -6.03 7.90 -5.94
N ALA A 90 -6.60 8.98 -6.45
CA ALA A 90 -6.88 9.07 -7.89
C ALA A 90 -5.57 9.14 -8.66
N LEU A 91 -4.59 9.85 -8.12
CA LEU A 91 -3.28 9.97 -8.76
C LEU A 91 -2.63 8.60 -8.88
N LEU A 92 -2.63 7.84 -7.79
CA LEU A 92 -2.02 6.50 -7.80
C LEU A 92 -2.75 5.54 -8.74
N VAL A 93 -4.08 5.57 -8.73
CA VAL A 93 -4.83 4.66 -9.59
C VAL A 93 -4.63 5.01 -11.06
N THR A 94 -4.57 6.30 -11.35
CA THR A 94 -4.39 6.74 -12.72
C THR A 94 -3.00 6.41 -13.27
N THR A 95 -1.97 6.64 -12.46
CA THR A 95 -0.59 6.41 -12.89
C THR A 95 0.04 5.06 -12.59
N PHE A 96 -0.55 4.29 -11.67
CA PHE A 96 0.04 2.99 -11.36
C PHE A 96 -1.01 2.06 -10.74
N GLY A 97 -2.19 2.03 -11.36
CA GLY A 97 -3.26 1.19 -10.87
C GLY A 97 -3.20 -0.12 -11.62
N LYS A 98 -3.94 -0.21 -12.71
CA LYS A 98 -3.91 -1.41 -13.53
C LYS A 98 -2.50 -1.61 -14.07
N LEU A 99 -1.79 -0.51 -14.31
CA LEU A 99 -0.44 -0.61 -14.83
C LEU A 99 0.51 -1.37 -13.90
N SER A 100 0.26 -1.31 -12.59
CA SER A 100 1.14 -2.01 -11.64
C SER A 100 1.06 -3.52 -11.82
N LEU A 101 0.04 -3.98 -12.55
CA LEU A 101 -0.17 -5.40 -12.78
C LEU A 101 0.40 -5.88 -14.11
N ASP A 102 0.84 -4.93 -14.93
CA ASP A 102 1.33 -5.23 -16.28
C ASP A 102 2.78 -5.70 -16.38
N GLY A 103 3.10 -6.83 -15.76
CA GLY A 103 4.45 -7.36 -15.84
C GLY A 103 5.52 -6.54 -15.14
N GLU A 104 6.66 -6.38 -15.80
CA GLU A 104 7.76 -5.62 -15.21
C GLU A 104 7.67 -4.13 -15.50
N VAL A 105 7.01 -3.41 -14.60
CA VAL A 105 6.87 -1.96 -14.70
C VAL A 105 7.09 -1.40 -13.30
N ARG A 106 7.99 -0.43 -13.18
CA ARG A 106 8.31 0.19 -11.90
C ARG A 106 8.16 1.70 -12.02
N LEU A 107 7.38 2.29 -11.11
CA LEU A 107 7.17 3.74 -11.13
C LEU A 107 8.35 4.44 -10.46
N LEU A 108 9.06 5.27 -11.22
CA LEU A 108 10.23 5.97 -10.71
C LEU A 108 9.99 7.40 -10.23
N ASP A 109 9.09 8.12 -10.89
CA ASP A 109 8.85 9.50 -10.51
C ASP A 109 7.54 10.04 -11.08
N LEU A 110 7.06 11.11 -10.48
CA LEU A 110 5.86 11.79 -10.93
C LEU A 110 6.18 13.28 -10.89
N GLU A 111 5.82 13.98 -11.96
CA GLU A 111 6.06 15.41 -12.05
C GLU A 111 4.71 16.07 -12.32
N PHE A 112 4.44 17.16 -11.61
CA PHE A 112 3.15 17.85 -11.72
C PHE A 112 3.24 19.31 -12.08
N PRO A 113 2.19 19.85 -12.73
CA PRO A 113 2.19 21.27 -13.09
C PRO A 113 2.12 21.99 -11.74
N ASP A 114 2.65 23.21 -11.65
CA ASP A 114 2.59 23.93 -10.37
C ASP A 114 1.16 24.09 -9.85
N GLU A 115 0.24 24.41 -10.76
CA GLU A 115 -1.15 24.62 -10.39
C GLU A 115 -1.76 23.40 -9.70
N TRP A 116 -1.38 22.21 -10.15
CA TRP A 116 -1.91 20.98 -9.57
C TRP A 116 -1.34 20.77 -8.17
N LYS A 117 -0.03 20.97 -8.02
CA LYS A 117 0.62 20.81 -6.72
C LYS A 117 -0.03 21.68 -5.66
N ARG A 118 -0.45 22.88 -6.06
CA ARG A 118 -1.07 23.80 -5.12
C ARG A 118 -2.38 23.31 -4.51
N GLN A 119 -2.92 22.22 -5.03
CA GLN A 119 -4.15 21.67 -4.48
C GLN A 119 -3.80 20.75 -3.32
N PHE A 120 -2.50 20.67 -3.02
CA PHE A 120 -2.00 19.83 -1.94
C PHE A 120 -1.31 20.71 -0.89
N PRO A 121 -1.34 20.30 0.38
CA PRO A 121 -0.76 21.04 1.51
C PRO A 121 0.71 21.12 1.83
N GLY A 122 1.45 20.05 1.61
CA GLY A 122 2.86 20.07 1.97
C GLY A 122 2.89 20.03 3.49
N PRO A 123 4.07 20.07 4.13
CA PRO A 123 4.19 20.03 5.59
C PRO A 123 3.59 21.29 6.20
N ARG A 124 3.00 21.18 7.40
CA ARG A 124 2.42 22.36 8.04
C ARG A 124 3.51 23.22 8.67
N PHE A 125 4.54 22.55 9.20
CA PHE A 125 5.64 23.24 9.87
C PHE A 125 6.97 23.15 9.13
N GLY A 126 7.32 21.96 8.67
CA GLY A 126 8.58 21.79 7.95
C GLY A 126 9.79 21.96 8.84
N ILE A 127 10.97 21.92 8.24
CA ILE A 127 12.21 22.07 8.98
C ILE A 127 12.24 23.32 9.87
N ASP A 128 11.91 24.47 9.28
CA ASP A 128 11.90 25.72 10.05
C ASP A 128 10.94 25.68 11.24
N GLY A 129 9.72 25.20 10.99
CA GLY A 129 8.73 25.13 12.05
C GLY A 129 9.13 24.18 13.16
N ILE A 130 9.75 23.06 12.79
CA ILE A 130 10.18 22.08 13.77
C ILE A 130 11.31 22.67 14.61
N ARG A 131 12.28 23.31 13.96
CA ARG A 131 13.38 23.91 14.69
C ARG A 131 12.89 24.97 15.67
N ASP A 132 11.85 25.71 15.28
CA ASP A 132 11.30 26.72 16.19
C ASP A 132 10.69 26.04 17.40
N ARG A 133 9.99 24.94 17.17
CA ARG A 133 9.32 24.22 18.25
C ARG A 133 10.26 23.48 19.20
N VAL A 134 11.40 23.01 18.68
CA VAL A 134 12.36 22.30 19.50
C VAL A 134 13.34 23.31 20.13
N GLY A 135 13.48 24.46 19.49
CA GLY A 135 14.38 25.49 19.99
C GLY A 135 15.84 25.28 19.66
N VAL A 136 16.12 24.56 18.57
CA VAL A 136 17.49 24.27 18.15
C VAL A 136 17.67 24.65 16.68
N HIS A 137 18.58 25.57 16.41
CA HIS A 137 18.80 26.06 15.05
C HIS A 137 20.19 25.93 14.46
N ASN A 138 21.20 25.76 15.31
CA ASN A 138 22.57 25.68 14.79
C ASN A 138 23.22 24.31 14.71
N ARG A 139 22.42 23.25 14.70
CA ARG A 139 22.96 21.90 14.61
C ARG A 139 21.90 20.89 14.22
N PRO A 140 22.31 19.69 13.80
CA PRO A 140 21.34 18.66 13.44
C PRO A 140 20.63 18.30 14.73
N LEU A 141 19.39 17.84 14.63
CA LEU A 141 18.64 17.48 15.81
C LEU A 141 19.00 16.06 16.22
N LEU A 142 18.58 15.69 17.44
CA LEU A 142 18.87 14.36 17.97
C LEU A 142 17.58 13.76 18.51
N MET A 143 17.29 12.52 18.12
CA MET A 143 16.08 11.86 18.60
C MET A 143 16.37 10.46 19.10
N SER A 144 15.66 10.06 20.14
CA SER A 144 15.81 8.72 20.69
C SER A 144 14.47 8.00 20.55
N ILE A 145 14.54 6.68 20.51
CA ILE A 145 13.34 5.85 20.38
C ILE A 145 13.14 5.03 21.64
N PHE A 146 11.90 5.01 22.13
CA PHE A 146 11.54 4.22 23.31
C PHE A 146 11.82 2.77 22.95
N LYS A 147 12.41 2.02 23.88
CA LYS A 147 12.67 0.61 23.60
C LYS A 147 12.15 -0.28 24.72
N GLY A 148 11.57 -1.41 24.34
CA GLY A 148 11.04 -2.36 25.29
C GLY A 148 9.80 -1.91 26.04
N MET A 149 8.99 -1.04 25.44
CA MET A 149 7.78 -0.55 26.11
C MET A 149 6.56 -1.46 26.04
N ILE A 150 6.53 -2.40 25.11
CA ILE A 150 5.37 -3.27 25.01
C ILE A 150 5.17 -4.06 26.29
N GLY A 151 3.99 -3.92 26.88
CA GLY A 151 3.69 -4.61 28.13
C GLY A 151 4.07 -3.86 29.39
N ARG A 152 4.69 -2.69 29.24
CA ARG A 152 5.10 -1.88 30.40
C ARG A 152 4.01 -0.88 30.77
N ASP A 153 4.14 -0.24 31.93
CA ASP A 153 3.15 0.73 32.37
C ASP A 153 3.58 2.19 32.27
N LEU A 154 2.69 3.08 32.69
CA LEU A 154 2.95 4.51 32.64
C LEU A 154 4.10 4.96 33.53
N ALA A 155 4.29 4.29 34.66
CA ALA A 155 5.38 4.65 35.56
C ALA A 155 6.70 4.38 34.86
N TYR A 156 6.76 3.28 34.11
CA TYR A 156 7.95 2.90 33.37
C TYR A 156 8.16 3.88 32.22
N LEU A 157 7.07 4.22 31.53
CA LEU A 157 7.15 5.15 30.41
C LEU A 157 7.72 6.50 30.84
N THR A 158 7.18 7.07 31.91
CA THR A 158 7.67 8.37 32.37
C THR A 158 9.11 8.31 32.84
N SER A 159 9.47 7.22 33.51
CA SER A 159 10.85 7.04 33.98
C SER A 159 11.79 7.01 32.77
N GLU A 160 11.44 6.18 31.79
CA GLU A 160 12.22 6.03 30.58
C GLU A 160 12.26 7.31 29.76
N LEU A 161 11.15 8.04 29.75
CA LEU A 161 11.08 9.29 28.99
C LEU A 161 12.01 10.34 29.58
N LYS A 162 12.03 10.43 30.91
CA LYS A 162 12.88 11.41 31.58
C LYS A 162 14.36 11.09 31.40
N LYS A 163 14.72 9.81 31.39
CA LYS A 163 16.12 9.44 31.21
C LYS A 163 16.62 9.86 29.83
N GLN A 164 15.80 9.61 28.81
CA GLN A 164 16.18 9.99 27.45
C GLN A 164 16.32 11.51 27.34
N ALA A 165 15.38 12.24 27.95
CA ALA A 165 15.42 13.70 27.91
C ALA A 165 16.66 14.22 28.65
N LEU A 166 16.97 13.62 29.79
CA LEU A 166 18.13 14.04 30.57
C LEU A 166 19.42 13.80 29.81
N GLY A 167 19.35 12.96 28.78
CA GLY A 167 20.51 12.67 27.95
C GLY A 167 20.73 13.79 26.95
N GLY A 168 19.77 14.71 26.90
CA GLY A 168 19.88 15.84 26.00
C GLY A 168 19.28 15.68 24.62
N VAL A 169 18.46 14.65 24.39
CA VAL A 169 17.87 14.47 23.07
C VAL A 169 16.82 15.56 22.84
N ASP A 170 16.64 15.94 21.58
CA ASP A 170 15.66 16.97 21.24
C ASP A 170 14.26 16.38 21.16
N LEU A 171 14.18 15.12 20.77
CA LEU A 171 12.90 14.44 20.66
C LEU A 171 12.98 12.98 21.05
N VAL A 172 11.86 12.44 21.50
CA VAL A 172 11.74 11.04 21.87
C VAL A 172 10.47 10.58 21.19
N ASP A 174 7.69 7.23 20.30
CA ASP A 174 7.23 5.90 20.68
C ASP A 174 7.82 5.00 19.59
N ASP A 175 7.98 3.71 19.88
CA ASP A 175 8.46 2.79 18.85
C ASP A 175 7.20 2.66 18.00
N GLU A 176 7.34 2.47 16.68
CA GLU A 176 6.14 2.41 15.84
C GLU A 176 5.24 1.20 16.06
N ILE A 177 5.73 0.22 16.82
CA ILE A 177 4.96 -0.98 17.12
C ILE A 177 4.28 -0.89 18.48
N LEU A 178 4.27 0.31 19.07
CA LEU A 178 3.62 0.51 20.37
C LEU A 178 2.18 0.92 20.12
N PHE A 179 1.25 0.03 20.45
CA PHE A 179 -0.15 0.33 20.22
C PHE A 179 -0.87 0.64 21.53
N ASP A 180 -2.02 1.29 21.43
CA ASP A 180 -2.77 1.65 22.62
C ASP A 180 -3.22 0.42 23.39
N SER A 181 -3.18 0.53 24.71
CA SER A 181 -3.57 -0.58 25.56
C SER A 181 -4.14 -0.02 26.86
N GLU A 182 -4.65 -0.89 27.72
CA GLU A 182 -5.19 -0.43 28.99
C GLU A 182 -4.07 0.18 29.82
N LEU A 183 -2.88 -0.45 29.78
CA LEU A 183 -1.73 0.05 30.53
C LEU A 183 -1.22 1.39 29.99
N LEU A 184 -1.17 1.50 28.67
CA LEU A 184 -0.67 2.73 28.05
C LEU A 184 -1.67 3.38 27.09
N PRO A 185 -2.73 4.00 27.62
CA PRO A 185 -3.71 4.64 26.74
C PRO A 185 -3.08 5.83 26.03
N PHE A 186 -3.53 6.09 24.79
CA PHE A 186 -3.02 7.18 23.98
C PHE A 186 -2.98 8.52 24.74
N GLU A 187 -4.12 8.93 25.27
CA GLU A 187 -4.19 10.21 25.98
C GLU A 187 -3.30 10.27 27.22
N LYS A 188 -3.15 9.14 27.92
CA LYS A 188 -2.32 9.09 29.12
C LYS A 188 -0.85 9.20 28.77
N ARG A 189 -0.46 8.60 27.64
CA ARG A 189 0.93 8.68 27.23
C ARG A 189 1.23 10.16 27.00
N ILE A 190 0.29 10.84 26.36
CA ILE A 190 0.45 12.26 26.06
C ILE A 190 0.50 13.12 27.33
N THR A 191 -0.51 13.01 28.19
CA THR A 191 -0.53 13.82 29.39
C THR A 191 0.56 13.51 30.41
N GLU A 192 0.81 12.23 30.68
CA GLU A 192 1.84 11.89 31.65
C GLU A 192 3.22 12.16 31.07
N GLY A 193 3.37 11.96 29.77
CA GLY A 193 4.63 12.23 29.13
C GLY A 193 4.93 13.72 29.15
N LYS A 194 3.89 14.53 28.94
CA LYS A 194 4.04 15.98 28.95
C LYS A 194 4.52 16.45 30.33
N ALA A 195 3.87 15.93 31.38
CA ALA A 195 4.24 16.29 32.74
C ALA A 195 5.68 15.90 33.06
N ALA A 196 6.06 14.69 32.68
CA ALA A 196 7.42 14.20 32.91
C ALA A 196 8.46 15.08 32.21
N LEU A 197 8.19 15.44 30.96
CA LEU A 197 9.13 16.27 30.21
C LEU A 197 9.17 17.69 30.78
N GLN A 198 8.07 18.12 31.39
CA GLN A 198 8.03 19.46 31.97
C GLN A 198 8.90 19.47 33.23
N GLU A 199 8.93 18.36 33.95
CA GLU A 199 9.74 18.27 35.16
C GLU A 199 11.21 18.36 34.77
N VAL A 200 11.58 17.68 33.69
CA VAL A 200 12.96 17.71 33.23
C VAL A 200 13.29 19.12 32.72
N TYR A 201 12.30 19.77 32.13
CA TYR A 201 12.50 21.13 31.63
C TYR A 201 12.82 22.08 32.79
N GLU A 202 12.13 21.90 33.91
CA GLU A 202 12.37 22.75 35.08
C GLU A 202 13.74 22.50 35.69
N GLN A 203 14.32 21.34 35.37
CA GLN A 203 15.63 20.96 35.90
C GLN A 203 16.80 21.31 34.98
N THR A 204 16.53 21.44 33.69
CA THR A 204 17.60 21.70 32.73
C THR A 204 17.39 22.94 31.86
N GLY A 205 16.14 23.39 31.75
CA GLY A 205 15.86 24.54 30.92
C GLY A 205 15.60 24.12 29.48
N LYS A 206 15.66 22.81 29.24
CA LYS A 206 15.41 22.28 27.90
C LYS A 206 14.17 21.41 27.90
N ARG A 207 13.27 21.67 26.96
CA ARG A 207 12.05 20.88 26.84
C ARG A 207 12.16 19.95 25.63
N THR A 208 12.33 18.67 25.91
CA THR A 208 12.42 17.64 24.89
C THR A 208 11.01 17.36 24.39
N LEU A 209 10.83 17.16 23.09
CA LEU A 209 9.50 16.88 22.53
C LEU A 209 9.21 15.38 22.45
N TYR A 210 7.93 15.05 22.57
CA TYR A 210 7.49 13.64 22.53
C TYR A 210 6.60 13.36 21.32
N ALA A 211 7.05 12.45 20.46
CA ALA A 211 6.27 12.05 19.28
C ALA A 211 5.52 10.78 19.67
N VAL A 212 4.22 10.92 19.84
CA VAL A 212 3.36 9.82 20.25
C VAL A 212 2.73 9.10 19.05
N ASN A 213 2.74 7.76 19.11
CA ASN A 213 2.19 6.95 18.04
C ASN A 213 0.67 7.13 17.91
N LEU A 214 0.24 7.49 16.71
CA LEU A 214 -1.17 7.70 16.42
C LEU A 214 -1.62 6.46 15.65
N THR A 215 -2.35 5.59 16.33
CA THR A 215 -2.78 4.34 15.73
C THR A 215 -4.28 4.11 15.83
N GLY A 216 -4.71 2.91 15.43
CA GLY A 216 -6.12 2.58 15.49
C GLY A 216 -6.77 2.69 14.12
N LYS A 217 -8.09 2.51 14.08
CA LYS A 217 -8.82 2.57 12.83
C LYS A 217 -8.83 3.96 12.22
N THR A 218 -8.80 4.01 10.89
CA THR A 218 -8.76 5.26 10.15
C THR A 218 -9.77 6.31 10.56
N PHE A 219 -11.05 5.95 10.64
CA PHE A 219 -12.07 6.92 10.97
C PHE A 219 -12.13 7.40 12.42
N ALA A 220 -11.17 6.97 13.22
CA ALA A 220 -11.08 7.42 14.61
C ALA A 220 -9.83 8.27 14.78
N LEU A 221 -9.00 8.33 13.74
CA LEU A 221 -7.75 9.08 13.78
C LEU A 221 -7.85 10.60 13.99
N LYS A 222 -8.76 11.25 13.27
CA LYS A 222 -8.90 12.70 13.41
C LYS A 222 -9.38 13.07 14.81
N ASP A 223 -10.33 12.30 15.33
CA ASP A 223 -10.87 12.55 16.66
C ASP A 223 -9.79 12.49 17.74
N LYS A 224 -8.97 11.44 17.71
CA LYS A 224 -7.93 11.35 18.73
C LYS A 224 -6.78 12.32 18.45
N ALA A 225 -6.54 12.66 17.18
CA ALA A 225 -5.48 13.61 16.85
C ALA A 225 -5.86 14.99 17.40
N LYS A 226 -7.15 15.30 17.32
CA LYS A 226 -7.65 16.58 17.82
C LYS A 226 -7.50 16.59 19.34
N ARG A 227 -7.80 15.46 19.97
CA ARG A 227 -7.67 15.36 21.42
C ARG A 227 -6.20 15.54 21.78
N ALA A 228 -5.33 14.96 20.97
CA ALA A 228 -3.89 15.07 21.21
C ALA A 228 -3.47 16.53 21.20
N ALA A 229 -4.01 17.31 20.26
CA ALA A 229 -3.68 18.73 20.17
C ALA A 229 -4.16 19.45 21.43
N GLU A 230 -5.38 19.16 21.84
CA GLU A 230 -5.97 19.76 23.04
C GLU A 230 -5.16 19.42 24.29
N LEU A 231 -4.68 18.19 24.36
CA LEU A 231 -3.91 17.72 25.51
C LEU A 231 -2.46 18.18 25.50
N GLY A 232 -2.06 18.84 24.42
CA GLY A 232 -0.70 19.35 24.33
C GLY A 232 0.38 18.43 23.78
N ALA A 233 0.01 17.48 22.93
CA ALA A 233 1.01 16.57 22.34
C ALA A 233 1.97 17.41 21.48
N ASP A 234 3.23 16.99 21.42
CA ASP A 234 4.24 17.71 20.64
C ASP A 234 4.29 17.30 19.19
N VAL A 235 4.27 15.99 18.95
CA VAL A 235 4.35 15.46 17.60
C VAL A 235 3.55 14.17 17.49
N LEU A 236 2.98 13.91 16.31
CA LEU A 236 2.23 12.69 16.10
C LEU A 236 3.03 11.77 15.16
N LEU A 237 3.36 10.59 15.65
CA LEU A 237 4.10 9.59 14.86
C LEU A 237 3.01 8.83 14.09
N PHE A 238 3.20 8.63 12.79
CA PHE A 238 2.18 7.98 11.99
C PHE A 238 2.69 6.96 10.97
N ASN A 239 2.20 5.73 11.07
CA ASN A 239 2.59 4.64 10.15
C ASN A 239 1.77 4.78 8.86
N VAL A 240 1.97 5.89 8.15
CA VAL A 240 1.23 6.20 6.93
C VAL A 240 1.07 5.10 5.90
N PHE A 241 2.10 4.28 5.68
CA PHE A 241 1.98 3.24 4.67
C PHE A 241 1.00 2.12 4.99
N ALA A 242 0.59 2.01 6.25
CA ALA A 242 -0.35 0.98 6.67
C ALA A 242 -1.77 1.52 6.50
N TYR A 243 -1.86 2.80 6.21
CA TYR A 243 -3.15 3.43 5.99
C TYR A 243 -3.16 3.79 4.50
N GLY A 244 -3.02 5.07 4.20
CA GLY A 244 -3.00 5.52 2.82
C GLY A 244 -2.43 6.91 2.84
N LEU A 245 -1.81 7.35 1.75
CA LEU A 245 -1.24 8.70 1.70
C LEU A 245 -2.31 9.75 1.96
N ASP A 246 -3.53 9.49 1.48
CA ASP A 246 -4.62 10.44 1.66
C ASP A 246 -4.94 10.67 3.14
N VAL A 247 -4.72 9.67 3.98
CA VAL A 247 -5.01 9.82 5.40
C VAL A 247 -4.01 10.80 6.02
N LEU A 248 -2.76 10.72 5.61
CA LEU A 248 -1.74 11.64 6.10
C LEU A 248 -2.18 13.05 5.69
N GLN A 249 -2.60 13.22 4.45
CA GLN A 249 -3.04 14.52 3.97
C GLN A 249 -4.22 15.06 4.79
N ALA A 250 -5.14 14.18 5.14
CA ALA A 250 -6.32 14.59 5.92
C ALA A 250 -5.92 15.10 7.31
N LEU A 251 -4.94 14.43 7.92
CA LEU A 251 -4.46 14.85 9.24
C LEU A 251 -3.78 16.21 9.12
N ARG A 252 -3.03 16.41 8.04
CA ARG A 252 -2.35 17.67 7.80
C ARG A 252 -3.30 18.84 7.55
N GLU A 253 -4.38 18.58 6.82
CA GLU A 253 -5.33 19.65 6.48
C GLU A 253 -6.37 19.99 7.54
N ASP A 254 -6.45 19.22 8.60
CA ASP A 254 -7.43 19.49 9.66
C ASP A 254 -6.90 20.58 10.58
N GLU A 255 -7.49 21.77 10.53
CA GLU A 255 -7.05 22.89 11.36
C GLU A 255 -7.21 22.64 12.85
N GLU A 256 -8.04 21.66 13.23
CA GLU A 256 -8.25 21.34 14.64
C GLU A 256 -7.15 20.43 15.18
N ILE A 257 -6.24 19.99 14.31
CA ILE A 257 -5.15 19.16 14.76
C ILE A 257 -3.94 20.09 14.85
N ALA A 258 -3.35 20.43 13.71
CA ALA A 258 -2.22 21.34 13.66
C ALA A 258 -1.09 20.99 14.61
N VAL A 259 -0.68 19.72 14.58
CA VAL A 259 0.41 19.20 15.39
C VAL A 259 1.38 18.60 14.38
N PRO A 260 2.70 18.77 14.57
CA PRO A 260 3.65 18.20 13.62
C PRO A 260 3.42 16.71 13.40
N ILE A 261 3.63 16.25 12.17
CA ILE A 261 3.43 14.84 11.83
C ILE A 261 4.74 14.18 11.40
N MET A 262 5.09 13.07 12.05
CA MET A 262 6.31 12.33 11.75
C MET A 262 5.92 11.02 11.07
N ALA A 263 6.28 10.86 9.80
CA ALA A 263 5.94 9.67 9.04
C ALA A 263 6.97 8.56 9.20
N HIS A 264 6.50 7.36 9.53
CA HIS A 264 7.37 6.21 9.71
C HIS A 264 7.36 5.35 8.43
N PRO A 265 8.51 4.78 8.06
CA PRO A 265 8.62 3.95 6.85
C PRO A 265 8.04 2.53 6.92
N ALA A 266 7.50 2.14 8.07
CA ALA A 266 6.92 0.80 8.23
C ALA A 266 6.03 0.41 7.04
N PHE A 267 6.30 -0.77 6.49
CA PHE A 267 5.58 -1.33 5.35
C PHE A 267 5.94 -0.72 3.99
N SER A 268 6.69 0.38 3.96
CA SER A 268 7.06 0.95 2.67
C SER A 268 7.96 -0.02 1.91
N GLY A 269 8.59 -0.92 2.65
CA GLY A 269 9.48 -1.91 2.05
C GLY A 269 8.77 -2.97 1.24
N ALA A 270 7.45 -2.99 1.34
CA ALA A 270 6.65 -3.93 0.56
C ALA A 270 6.55 -3.42 -0.87
N VAL A 271 6.89 -2.15 -1.06
CA VAL A 271 6.78 -1.48 -2.36
C VAL A 271 8.06 -1.00 -3.05
N THR A 272 9.07 -0.63 -2.27
CA THR A 272 10.29 -0.04 -2.81
C THR A 272 11.54 -0.80 -3.25
N PRO A 273 11.85 -1.95 -2.63
CA PRO A 273 13.06 -2.73 -2.96
C PRO A 273 13.32 -3.38 -4.31
N SER A 274 12.28 -3.82 -5.00
CA SER A 274 12.48 -4.52 -6.29
C SER A 274 13.12 -3.72 -7.41
N GLU A 275 13.88 -4.43 -8.25
CA GLU A 275 14.54 -3.79 -9.39
C GLU A 275 13.57 -3.64 -10.56
N PHE A 276 12.54 -4.47 -10.58
CA PHE A 276 11.57 -4.49 -11.69
C PHE A 276 10.15 -4.04 -11.40
N TYR A 277 9.78 -3.97 -10.12
CA TYR A 277 8.42 -3.61 -9.74
C TYR A 277 8.38 -2.55 -8.66
N GLY A 278 7.15 -2.18 -8.28
CA GLY A 278 6.97 -1.20 -7.22
C GLY A 278 7.16 0.27 -7.56
N VAL A 279 7.46 1.04 -6.53
CA VAL A 279 7.65 2.47 -6.65
C VAL A 279 8.98 2.86 -6.00
N ALA A 280 9.76 3.69 -6.69
CA ALA A 280 11.06 4.12 -6.19
C ALA A 280 10.92 4.86 -4.86
N PRO A 281 11.86 4.64 -3.93
CA PRO A 281 11.80 5.31 -2.62
C PRO A 281 11.83 6.84 -2.66
N SER A 282 12.53 7.44 -3.61
CA SER A 282 12.58 8.91 -3.65
C SER A 282 11.17 9.45 -3.82
N LEU A 283 10.34 8.71 -4.56
CA LEU A 283 8.96 9.14 -4.79
C LEU A 283 8.02 8.70 -3.66
N TRP A 284 8.11 7.42 -3.28
CA TRP A 284 7.24 6.85 -2.25
C TRP A 284 7.45 7.40 -0.84
N LEU A 285 8.71 7.56 -0.45
CA LEU A 285 9.04 8.08 0.88
C LEU A 285 9.37 9.57 0.87
N GLY A 286 9.81 10.06 -0.29
CA GLY A 286 10.20 11.45 -0.39
C GLY A 286 9.18 12.42 -0.92
N LYS A 287 9.09 12.52 -2.25
CA LYS A 287 8.19 13.46 -2.89
C LYS A 287 6.73 13.40 -2.42
N LEU A 288 6.13 12.22 -2.42
CA LEU A 288 4.73 12.11 -2.03
C LEU A 288 4.43 12.37 -0.56
N LEU A 289 5.32 11.95 0.35
CA LEU A 289 5.08 12.19 1.76
C LEU A 289 5.19 13.68 2.09
N ARG A 290 6.13 14.37 1.45
CA ARG A 290 6.29 15.80 1.69
C ARG A 290 5.04 16.51 1.19
N LEU A 291 4.62 16.18 -0.02
CA LEU A 291 3.44 16.78 -0.63
C LEU A 291 2.19 16.52 0.21
N ALA A 292 2.10 15.31 0.77
CA ALA A 292 0.94 14.94 1.57
C ALA A 292 0.89 15.61 2.95
N GLY A 293 2.03 16.04 3.48
CA GLY A 293 2.01 16.73 4.76
C GLY A 293 2.93 16.29 5.89
N ALA A 294 3.87 15.40 5.61
CA ALA A 294 4.79 14.95 6.66
C ALA A 294 5.85 16.01 6.97
N ASP A 295 6.01 16.33 8.26
CA ASP A 295 7.01 17.32 8.69
C ASP A 295 8.36 16.63 8.86
N PHE A 296 8.32 15.33 9.15
CA PHE A 296 9.51 14.51 9.30
C PHE A 296 9.24 13.25 8.50
N VAL A 297 10.28 12.70 7.89
CA VAL A 297 10.14 11.43 7.19
C VAL A 297 11.34 10.57 7.56
N LEU A 298 11.07 9.45 8.23
CA LEU A 298 12.13 8.53 8.61
C LEU A 298 12.29 7.52 7.47
N PHE A 299 13.53 7.13 7.20
CA PHE A 299 13.82 6.16 6.14
C PHE A 299 15.13 5.45 6.48
N PRO A 300 15.30 4.21 5.99
CA PRO A 300 16.54 3.49 6.28
C PRO A 300 17.77 4.24 5.80
N SER A 301 18.75 4.41 6.68
CA SER A 301 19.98 5.10 6.30
C SER A 301 20.80 4.15 5.43
N PRO A 302 21.93 4.63 4.87
CA PRO A 302 22.74 3.75 4.04
C PRO A 302 23.80 3.01 4.88
N TYR A 303 23.73 3.19 6.19
CA TYR A 303 24.74 2.63 7.09
C TYR A 303 24.51 1.33 7.85
N GLY A 304 23.30 1.09 8.35
CA GLY A 304 23.07 -0.11 9.14
C GLY A 304 22.82 -1.40 8.41
N SER A 305 22.37 -2.41 9.16
CA SER A 305 22.05 -3.71 8.61
C SER A 305 20.80 -3.51 7.76
N VAL A 306 19.85 -2.76 8.31
CA VAL A 306 18.62 -2.42 7.62
C VAL A 306 18.94 -1.08 6.97
N ALA A 307 19.17 -1.10 5.66
CA ALA A 307 19.54 0.13 4.97
C ALA A 307 19.03 0.28 3.55
N LEU A 308 19.41 1.41 2.95
CA LEU A 308 19.06 1.76 1.57
C LEU A 308 20.38 2.07 0.87
N GLU A 309 20.41 1.93 -0.45
CA GLU A 309 21.61 2.25 -1.21
C GLU A 309 21.81 3.75 -1.01
N ARG A 310 23.07 4.20 -0.94
CA ARG A 310 23.38 5.61 -0.71
C ARG A 310 22.61 6.60 -1.58
N GLU A 311 22.62 6.40 -2.90
CA GLU A 311 21.93 7.31 -3.80
C GLU A 311 20.42 7.28 -3.62
N GLN A 312 19.88 6.16 -3.13
CA GLN A 312 18.45 6.05 -2.87
C GLN A 312 18.12 6.93 -1.68
N ALA A 313 18.91 6.79 -0.62
CA ALA A 313 18.71 7.57 0.61
C ALA A 313 18.90 9.06 0.33
N LEU A 314 19.93 9.39 -0.44
CA LEU A 314 20.18 10.80 -0.76
C LEU A 314 19.04 11.34 -1.62
N GLY A 315 18.50 10.49 -2.49
CA GLY A 315 17.40 10.89 -3.33
C GLY A 315 16.17 11.26 -2.52
N ILE A 316 15.93 10.50 -1.45
CA ILE A 316 14.78 10.79 -0.59
C ILE A 316 14.98 12.15 0.09
N ALA A 317 16.17 12.35 0.66
CA ALA A 317 16.46 13.61 1.34
C ALA A 317 16.33 14.80 0.41
N ARG A 318 16.80 14.63 -0.83
CA ARG A 318 16.74 15.69 -1.81
C ARG A 318 15.28 16.05 -2.09
N ALA A 319 14.44 15.04 -2.27
CA ALA A 319 13.02 15.26 -2.54
C ALA A 319 12.34 15.94 -1.35
N LEU A 320 12.79 15.63 -0.14
CA LEU A 320 12.21 16.21 1.06
C LEU A 320 12.57 17.67 1.27
N THR A 321 13.77 18.06 0.81
CA THR A 321 14.25 19.42 1.04
C THR A 321 14.39 20.38 -0.14
N ASP A 322 14.22 19.89 -1.36
CA ASP A 322 14.32 20.71 -2.57
C ASP A 322 13.45 21.96 -2.40
N ASP A 323 14.07 23.14 -2.29
CA ASP A 323 13.28 24.35 -2.10
C ASP A 323 12.62 24.90 -3.35
N GLN A 324 12.69 24.17 -4.46
CA GLN A 324 12.04 24.61 -5.67
C GLN A 324 10.58 24.11 -5.68
N GLU A 325 10.25 23.25 -4.73
CA GLU A 325 8.89 22.72 -4.61
C GLU A 325 8.05 23.74 -3.83
N PRO A 326 6.75 23.86 -4.15
CA PRO A 326 5.86 24.80 -3.48
C PRO A 326 5.39 24.33 -2.10
N PHE A 327 6.21 23.55 -1.42
CA PHE A 327 5.87 23.04 -0.09
C PHE A 327 7.00 23.31 0.87
N ALA A 328 6.70 23.33 2.16
CA ALA A 328 7.74 23.54 3.16
C ALA A 328 8.64 22.30 3.07
N ARG A 329 9.89 22.45 3.50
CA ARG A 329 10.83 21.33 3.48
C ARG A 329 10.54 20.38 4.64
N ALA A 330 10.67 19.08 4.39
CA ALA A 330 10.44 18.08 5.44
C ALA A 330 11.81 17.62 5.98
N PHE A 331 11.84 17.26 7.25
CA PHE A 331 13.07 16.80 7.90
C PHE A 331 13.46 15.38 7.51
N PRO A 332 14.64 15.20 6.90
CA PRO A 332 15.05 13.84 6.53
C PRO A 332 15.59 13.19 7.80
N VAL A 333 15.15 11.97 8.09
CA VAL A 333 15.61 11.27 9.28
C VAL A 333 16.13 9.87 8.96
N PRO A 334 17.40 9.78 8.52
CA PRO A 334 17.95 8.45 8.20
C PRO A 334 17.96 7.63 9.47
N SER A 335 17.47 6.39 9.41
CA SER A 335 17.38 5.57 10.60
C SER A 335 17.84 4.13 10.49
N ALA A 336 17.92 3.48 11.65
CA ALA A 336 18.30 2.07 11.81
C ALA A 336 19.78 1.83 12.08
N GLY A 337 20.07 1.35 13.29
CA GLY A 337 21.45 1.04 13.67
C GLY A 337 22.37 2.23 13.86
N ILE A 338 21.81 3.41 14.05
CA ILE A 338 22.62 4.61 14.24
C ILE A 338 23.29 4.64 15.62
N HIS A 339 24.57 5.00 15.63
CA HIS A 339 25.33 5.12 16.88
C HIS A 339 26.23 6.35 16.73
N PRO A 340 26.78 6.88 17.85
CA PRO A 340 27.64 8.06 17.81
C PRO A 340 28.75 8.06 16.76
N GLY A 341 29.33 6.87 16.55
CA GLY A 341 30.41 6.75 15.57
C GLY A 341 30.00 7.05 14.15
N LEU A 342 28.70 7.09 13.89
CA LEU A 342 28.20 7.38 12.54
C LEU A 342 27.83 8.84 12.35
N VAL A 343 27.83 9.62 13.42
CA VAL A 343 27.45 11.04 13.32
C VAL A 343 28.28 11.81 12.29
N PRO A 344 29.60 11.59 12.25
CA PRO A 344 30.40 12.32 11.26
C PRO A 344 29.88 12.06 9.84
N LEU A 345 29.60 10.79 9.52
CA LEU A 345 29.11 10.43 8.21
C LEU A 345 27.72 10.95 7.92
N ILE A 346 26.83 10.87 8.91
CA ILE A 346 25.46 11.35 8.76
C ILE A 346 25.46 12.82 8.33
N ILE A 347 26.22 13.64 9.04
CA ILE A 347 26.29 15.06 8.72
C ILE A 347 26.99 15.32 7.39
N ARG A 348 27.99 14.51 7.06
CA ARG A 348 28.70 14.66 5.79
C ARG A 348 27.74 14.43 4.63
N ASP A 349 26.95 13.36 4.73
CA ASP A 349 26.00 12.99 3.69
C ASP A 349 24.71 13.81 3.64
N PHE A 350 24.13 14.08 4.81
CA PHE A 350 22.86 14.79 4.87
C PHE A 350 22.86 16.25 5.30
N GLY A 351 24.00 16.78 5.71
CA GLY A 351 24.07 18.17 6.10
C GLY A 351 23.57 18.48 7.50
N LEU A 352 23.43 19.77 7.79
CA LEU A 352 22.97 20.21 9.09
C LEU A 352 21.48 20.02 9.31
N ASP A 353 20.70 20.08 8.23
CA ASP A 353 19.27 19.92 8.38
C ASP A 353 18.81 18.47 8.30
N THR A 354 19.22 17.71 9.30
CA THR A 354 18.85 16.31 9.40
C THR A 354 18.74 15.99 10.88
N ILE A 355 18.22 14.82 11.19
CA ILE A 355 18.07 14.41 12.57
C ILE A 355 18.81 13.11 12.80
N VAL A 356 19.61 13.07 13.87
CA VAL A 356 20.34 11.87 14.25
C VAL A 356 19.32 11.10 15.09
N ASN A 357 18.91 9.95 14.58
CA ASN A 357 17.88 9.16 15.25
C ASN A 357 18.38 7.80 15.71
N ALA A 358 18.17 7.48 16.99
CA ALA A 358 18.65 6.20 17.50
C ALA A 358 17.85 5.59 18.66
N GLY A 359 17.72 4.27 18.62
CA GLY A 359 17.04 3.54 19.66
C GLY A 359 18.09 2.80 20.48
N GLY A 360 18.65 1.73 19.91
CA GLY A 360 19.67 0.97 20.60
C GLY A 360 20.91 1.80 20.87
N GLY A 361 21.20 2.73 19.96
CA GLY A 361 22.36 3.58 20.12
C GLY A 361 22.25 4.43 21.36
N ILE A 362 21.03 4.58 21.87
CA ILE A 362 20.79 5.37 23.07
C ILE A 362 20.75 4.48 24.30
N HIS A 363 19.82 3.53 24.30
CA HIS A 363 19.62 2.62 25.42
C HIS A 363 20.73 1.61 25.64
N GLY A 364 21.48 1.30 24.58
CA GLY A 364 22.56 0.34 24.69
C GLY A 364 23.85 0.90 25.26
N HIS A 365 23.88 2.21 25.52
CA HIS A 365 25.07 2.83 26.08
C HIS A 365 25.34 2.27 27.48
N PRO A 366 26.63 2.05 27.81
CA PRO A 366 27.02 1.51 29.12
C PRO A 366 26.35 2.21 30.31
N ASP A 367 26.08 3.50 30.16
CA ASP A 367 25.45 4.25 31.24
C ASP A 367 23.99 4.59 30.99
N GLY A 368 23.32 3.76 30.18
CA GLY A 368 21.92 3.99 29.89
C GLY A 368 21.61 5.12 28.94
N ALA A 369 20.33 5.46 28.85
CA ALA A 369 19.85 6.52 27.97
C ALA A 369 20.51 7.87 28.22
N ILE A 370 20.78 8.20 29.47
CA ILE A 370 21.41 9.48 29.76
C ILE A 370 22.79 9.51 29.13
N GLY A 371 23.57 8.45 29.34
CA GLY A 371 24.90 8.38 28.75
C GLY A 371 24.84 8.35 27.25
N GLY A 372 23.87 7.61 26.72
CA GLY A 372 23.72 7.51 25.27
C GLY A 372 23.45 8.85 24.63
N GLY A 373 22.54 9.61 25.21
CA GLY A 373 22.21 10.92 24.67
C GLY A 373 23.40 11.87 24.74
N ARG A 374 24.11 11.85 25.88
CA ARG A 374 25.28 12.71 26.06
C ARG A 374 26.36 12.39 25.02
N ALA A 375 26.54 11.11 24.72
CA ALA A 375 27.52 10.70 23.74
C ALA A 375 27.17 11.26 22.37
N PHE A 376 25.89 11.19 22.01
CA PHE A 376 25.44 11.71 20.72
C PHE A 376 25.58 13.22 20.65
N ARG A 377 25.19 13.93 21.71
CA ARG A 377 25.30 15.38 21.71
C ARG A 377 26.77 15.79 21.57
N ALA A 378 27.66 15.06 22.23
CA ALA A 378 29.09 15.34 22.16
C ALA A 378 29.61 15.10 20.74
N ALA A 379 29.13 14.04 20.10
CA ALA A 379 29.56 13.70 18.74
C ALA A 379 29.13 14.77 17.75
N ILE A 380 27.89 15.24 17.87
CA ILE A 380 27.37 16.28 16.99
C ILE A 380 28.20 17.56 17.14
N ASP A 381 28.43 17.97 18.39
CA ASP A 381 29.22 19.18 18.63
C ASP A 381 30.63 19.03 18.05
N ALA A 382 31.22 17.86 18.22
CA ALA A 382 32.57 17.61 17.71
C ALA A 382 32.63 17.77 16.19
N VAL A 383 31.67 17.17 15.49
CA VAL A 383 31.63 17.25 14.04
C VAL A 383 31.48 18.71 13.59
N LEU A 384 30.61 19.46 14.25
CA LEU A 384 30.43 20.86 13.88
C LEU A 384 31.66 21.70 14.16
N ALA A 385 32.48 21.25 15.12
CA ALA A 385 33.68 21.98 15.47
C ALA A 385 34.88 21.52 14.65
N GLY A 386 34.71 20.42 13.93
CA GLY A 386 35.79 19.89 13.11
C GLY A 386 36.78 19.03 13.87
N ARG A 387 36.32 18.45 14.97
CA ARG A 387 37.18 17.62 15.80
C ARG A 387 36.85 16.13 15.69
N PRO A 388 37.89 15.28 15.57
CA PRO A 388 37.66 13.84 15.47
C PRO A 388 37.00 13.40 16.77
N LEU A 389 36.12 12.42 16.70
CA LEU A 389 35.42 11.95 17.89
C LEU A 389 36.38 11.49 18.99
N ARG A 390 37.47 10.83 18.62
CA ARG A 390 38.42 10.36 19.64
C ARG A 390 39.08 11.51 20.36
N ALA A 391 39.25 12.64 19.67
CA ALA A 391 39.85 13.82 20.27
C ALA A 391 38.84 14.41 21.25
N ALA A 392 37.58 14.49 20.81
CA ALA A 392 36.51 15.02 21.64
C ALA A 392 36.23 14.12 22.84
N ALA A 393 36.40 12.81 22.65
CA ALA A 393 36.14 11.84 23.72
C ALA A 393 37.10 12.01 24.90
N ALA A 394 38.23 12.64 24.65
CA ALA A 394 39.22 12.85 25.70
C ALA A 394 38.64 13.76 26.77
N GLU A 395 37.64 14.54 26.41
CA GLU A 395 37.00 15.47 27.33
C GLU A 395 35.54 15.12 27.59
N ASN A 396 35.13 13.94 27.17
CA ASN A 396 33.75 13.50 27.36
C ASN A 396 33.67 11.99 27.54
N GLU A 397 33.51 11.55 28.79
CA GLU A 397 33.44 10.13 29.12
C GLU A 397 32.34 9.38 28.38
N ALA A 398 31.15 9.98 28.31
CA ALA A 398 30.02 9.34 27.63
C ALA A 398 30.39 8.99 26.19
N LEU A 399 31.01 9.93 25.49
CA LEU A 399 31.40 9.70 24.11
C LEU A 399 32.49 8.64 24.05
N GLN A 400 33.40 8.66 25.01
CA GLN A 400 34.49 7.68 25.05
C GLN A 400 33.91 6.27 25.11
N LYS A 401 32.97 6.06 26.03
CA LYS A 401 32.34 4.75 26.18
C LYS A 401 31.59 4.34 24.91
N ALA A 402 30.97 5.31 24.24
CA ALA A 402 30.24 5.02 23.01
C ALA A 402 31.21 4.57 21.92
N ILE A 403 32.32 5.28 21.79
CA ILE A 403 33.34 4.96 20.79
C ILE A 403 33.96 3.60 21.07
N ASP A 404 34.20 3.31 22.34
CA ASP A 404 34.79 2.03 22.75
C ASP A 404 33.86 0.87 22.44
N ARG A 405 32.56 1.12 22.53
CA ARG A 405 31.56 0.08 22.30
C ARG A 405 31.22 -0.17 20.83
N TRP A 406 30.96 0.89 20.07
CA TRP A 406 30.58 0.77 18.67
C TRP A 406 31.61 1.23 17.63
N GLY A 407 32.64 1.93 18.09
CA GLY A 407 33.67 2.40 17.17
C GLY A 407 33.33 3.67 16.42
N VAL A 408 34.24 4.12 15.56
CA VAL A 408 34.07 5.33 14.78
C VAL A 408 34.18 5.01 13.29
N VAL A 409 33.26 5.53 12.48
CA VAL A 409 33.29 5.27 11.04
C VAL A 409 33.91 6.42 10.25
N SER B 2 -2.78 -16.87 22.51
CA SER B 2 -3.37 -16.28 21.28
C SER B 2 -2.33 -15.47 20.52
N ALA B 3 -2.00 -15.90 19.31
CA ALA B 3 -1.01 -15.19 18.52
C ALA B 3 -1.26 -15.34 17.03
N VAL B 4 -0.83 -14.34 16.28
CA VAL B 4 -0.96 -14.36 14.82
C VAL B 4 0.34 -14.95 14.30
N MET B 5 0.24 -15.96 13.44
CA MET B 5 1.45 -16.55 12.89
C MET B 5 1.69 -16.03 11.48
N ALA B 6 2.85 -15.43 11.27
CA ALA B 6 3.21 -14.90 9.97
C ALA B 6 4.20 -15.86 9.32
N THR B 7 3.99 -16.13 8.03
CA THR B 7 4.88 -17.01 7.30
C THR B 7 5.66 -16.16 6.31
N TYR B 8 6.99 -16.19 6.41
CA TYR B 8 7.84 -15.40 5.53
C TYR B 8 8.79 -16.26 4.70
N LEU B 9 9.20 -15.68 3.58
CA LEU B 9 10.18 -16.31 2.71
C LEU B 9 11.41 -15.42 2.88
N LEU B 10 12.52 -15.99 3.33
CA LEU B 10 13.74 -15.23 3.50
C LEU B 10 14.87 -15.69 2.61
N HIS B 11 15.64 -14.73 2.13
CA HIS B 11 16.82 -14.99 1.31
C HIS B 11 17.89 -14.23 2.09
N ASP B 12 18.99 -14.91 2.42
CA ASP B 12 20.02 -14.23 3.20
C ASP B 12 21.34 -14.98 3.19
N GLU B 13 22.44 -14.24 3.25
CA GLU B 13 23.75 -14.87 3.27
C GLU B 13 24.20 -15.13 4.71
N THR B 14 23.43 -14.64 5.67
CA THR B 14 23.75 -14.85 7.09
C THR B 14 22.77 -15.87 7.65
N ASP B 15 23.07 -16.41 8.82
CA ASP B 15 22.23 -17.42 9.45
C ASP B 15 20.77 -17.02 9.57
N ILE B 16 19.89 -17.78 8.91
CA ILE B 16 18.46 -17.49 8.92
C ILE B 16 17.84 -17.64 10.31
N ARG B 17 18.24 -18.67 11.05
CA ARG B 17 17.69 -18.88 12.38
C ARG B 17 18.01 -17.70 13.30
N LYS B 18 19.22 -17.16 13.17
CA LYS B 18 19.63 -16.02 13.99
C LYS B 18 18.71 -14.84 13.69
N LYS B 19 18.50 -14.59 12.40
CA LYS B 19 17.63 -13.48 11.99
C LYS B 19 16.20 -13.70 12.48
N ALA B 20 15.71 -14.93 12.37
CA ALA B 20 14.36 -15.26 12.81
C ALA B 20 14.14 -14.97 14.29
N GLU B 21 15.05 -15.44 15.14
CA GLU B 21 14.94 -15.20 16.57
C GLU B 21 14.98 -13.70 16.84
N GLY B 22 15.84 -13.00 16.09
CA GLY B 22 15.97 -11.57 16.25
C GLY B 22 14.68 -10.83 15.95
N ILE B 23 13.95 -11.32 14.95
CA ILE B 23 12.68 -10.73 14.55
C ILE B 23 11.62 -11.00 15.62
N ALA B 24 11.54 -12.24 16.08
CA ALA B 24 10.57 -12.62 17.09
C ALA B 24 10.74 -11.80 18.36
N LEU B 25 11.99 -11.56 18.75
CA LEU B 25 12.28 -10.79 19.96
C LEU B 25 12.26 -9.29 19.72
N GLY B 26 13.04 -8.84 18.73
CA GLY B 26 13.13 -7.42 18.43
C GLY B 26 11.79 -6.76 18.13
N LEU B 27 10.92 -7.47 17.42
CA LEU B 27 9.63 -6.91 17.07
C LEU B 27 8.54 -7.12 18.11
N THR B 28 8.93 -7.62 19.29
CA THR B 28 7.97 -7.80 20.38
C THR B 28 8.47 -7.12 21.65
N ILE B 29 9.01 -7.88 22.59
CA ILE B 29 9.48 -7.29 23.85
C ILE B 29 10.89 -6.70 23.82
N GLY B 30 11.64 -6.97 22.76
CA GLY B 30 12.98 -6.41 22.64
C GLY B 30 14.11 -7.09 23.40
N THR B 31 13.89 -7.35 24.69
CA THR B 31 14.90 -8.00 25.52
C THR B 31 14.23 -9.04 26.41
N TRP B 32 14.98 -10.05 26.84
CA TRP B 32 14.42 -11.10 27.67
C TRP B 32 15.39 -11.67 28.69
N THR B 33 16.57 -12.08 28.24
CA THR B 33 17.56 -12.67 29.14
C THR B 33 17.99 -11.80 30.31
N ASP B 34 18.07 -10.49 30.08
CA ASP B 34 18.49 -9.57 31.14
C ASP B 34 17.37 -9.16 32.09
N LEU B 35 16.17 -9.69 31.88
CA LEU B 35 15.03 -9.35 32.71
C LEU B 35 14.90 -10.25 33.94
N PRO B 36 14.65 -9.66 35.11
CA PRO B 36 14.51 -10.43 36.34
C PRO B 36 13.23 -11.27 36.32
N ALA B 37 13.28 -12.44 36.93
CA ALA B 37 12.17 -13.37 37.00
C ALA B 37 10.78 -12.73 37.02
N LEU B 38 10.62 -11.69 37.85
CA LEU B 38 9.34 -11.00 37.96
C LEU B 38 8.90 -10.34 36.65
N GLU B 39 9.82 -9.70 35.95
CA GLU B 39 9.49 -9.06 34.68
C GLU B 39 9.24 -10.09 33.57
N GLN B 40 9.98 -11.19 33.59
CA GLN B 40 9.80 -12.21 32.58
C GLN B 40 8.40 -12.81 32.63
N GLU B 41 7.95 -13.20 33.81
CA GLU B 41 6.62 -13.79 33.95
C GLU B 41 5.53 -12.79 33.57
N GLN B 42 5.81 -11.51 33.76
CA GLN B 42 4.84 -10.46 33.45
C GLN B 42 4.82 -10.15 31.95
N LEU B 43 5.98 -10.23 31.30
CA LEU B 43 6.10 -9.92 29.88
C LEU B 43 6.11 -11.17 28.98
N ARG B 44 6.04 -12.34 29.58
CA ARG B 44 6.05 -13.58 28.81
C ARG B 44 4.95 -13.63 27.76
N LYS B 45 3.76 -13.16 28.11
CA LYS B 45 2.63 -13.17 27.18
C LYS B 45 2.85 -12.30 25.94
N HIS B 46 3.80 -11.37 26.02
CA HIS B 46 4.09 -10.47 24.91
C HIS B 46 5.26 -10.94 24.06
N LYS B 47 5.93 -11.99 24.51
CA LYS B 47 7.10 -12.49 23.81
C LYS B 47 6.81 -13.23 22.51
N GLY B 48 7.39 -12.74 21.42
CA GLY B 48 7.22 -13.39 20.14
C GLY B 48 8.07 -14.64 20.13
N GLU B 49 7.76 -15.57 19.24
CA GLU B 49 8.51 -16.82 19.16
C GLU B 49 8.59 -17.34 17.73
N VAL B 50 9.70 -17.98 17.40
CA VAL B 50 9.87 -18.58 16.08
C VAL B 50 9.15 -19.93 16.17
N VAL B 51 8.19 -20.14 15.29
CA VAL B 51 7.41 -21.37 15.28
C VAL B 51 8.08 -22.49 14.49
N ALA B 52 8.59 -22.16 13.31
CA ALA B 52 9.25 -23.15 12.48
C ALA B 52 10.10 -22.51 11.39
N ILE B 53 11.07 -23.29 10.91
CA ILE B 53 11.96 -22.83 9.86
C ILE B 53 12.16 -23.96 8.86
N GLU B 54 11.66 -23.77 7.65
CA GLU B 54 11.82 -24.79 6.63
C GLU B 54 12.94 -24.34 5.70
N GLU B 55 14.04 -25.07 5.71
CA GLU B 55 15.17 -24.71 4.86
C GLU B 55 14.90 -25.15 3.43
N LEU B 56 15.13 -24.24 2.49
CA LEU B 56 14.93 -24.56 1.08
C LEU B 56 16.28 -24.73 0.42
N GLY B 57 16.28 -25.28 -0.79
CA GLY B 57 17.54 -25.45 -1.48
C GLY B 57 18.07 -24.11 -1.94
N GLU B 58 19.38 -23.95 -1.93
CA GLU B 58 19.99 -22.70 -2.38
C GLU B 58 19.75 -22.66 -3.89
N SER B 59 19.35 -21.50 -4.42
CA SER B 59 19.09 -21.40 -5.85
C SER B 59 20.22 -20.78 -6.65
N GLU B 60 20.69 -21.51 -7.66
CA GLU B 60 21.77 -21.04 -8.50
C GLU B 60 21.32 -19.77 -9.22
N ARG B 61 20.07 -19.77 -9.69
CA ARG B 61 19.50 -18.64 -10.39
C ARG B 61 19.47 -17.39 -9.51
N VAL B 62 18.99 -17.54 -8.28
CA VAL B 62 18.93 -16.44 -7.34
C VAL B 62 20.33 -15.94 -7.01
N ASN B 63 21.25 -16.88 -6.76
CA ASN B 63 22.62 -16.51 -6.43
C ASN B 63 23.28 -15.70 -7.53
N ALA B 64 23.09 -16.11 -8.78
CA ALA B 64 23.66 -15.42 -9.93
C ALA B 64 23.10 -14.01 -10.03
N TYR B 65 21.81 -13.88 -9.79
CA TYR B 65 21.14 -12.59 -9.86
C TYR B 65 21.71 -11.62 -8.83
N PHE B 66 21.80 -12.05 -7.58
CA PHE B 66 22.32 -11.22 -6.49
C PHE B 66 23.84 -11.17 -6.46
N GLY B 67 24.49 -12.06 -7.19
CA GLY B 67 25.93 -12.09 -7.22
C GLY B 67 26.51 -12.54 -5.88
N LYS B 68 25.71 -13.28 -5.12
CA LYS B 68 26.12 -13.78 -3.82
C LYS B 68 25.42 -15.10 -3.51
N ARG B 69 25.92 -15.82 -2.50
CA ARG B 69 25.32 -17.08 -2.10
C ARG B 69 24.26 -16.78 -1.04
N LEU B 70 23.00 -17.00 -1.40
CA LEU B 70 21.91 -16.73 -0.47
C LEU B 70 21.15 -17.98 -0.02
N LYS B 71 21.13 -18.18 1.30
CA LYS B 71 20.40 -19.31 1.85
C LYS B 71 18.93 -18.91 1.77
N ARG B 72 18.06 -19.89 1.61
CA ARG B 72 16.63 -19.62 1.51
C ARG B 72 15.85 -20.45 2.52
N ALA B 73 14.79 -19.88 3.07
CA ALA B 73 13.98 -20.58 4.04
C ALA B 73 12.62 -19.94 4.28
N ILE B 74 11.67 -20.75 4.73
CA ILE B 74 10.34 -20.28 5.06
C ILE B 74 10.33 -20.21 6.58
N VAL B 75 10.10 -19.02 7.11
CA VAL B 75 10.10 -18.81 8.54
C VAL B 75 8.72 -18.44 9.06
N LYS B 76 8.30 -19.09 10.14
CA LYS B 76 7.01 -18.82 10.73
C LYS B 76 7.23 -18.22 12.13
N ILE B 77 6.65 -17.05 12.36
CA ILE B 77 6.78 -16.37 13.64
C ILE B 77 5.42 -16.07 14.25
N ALA B 78 5.32 -16.29 15.56
CA ALA B 78 4.08 -16.04 16.28
C ALA B 78 4.15 -14.72 17.04
N TYR B 79 3.15 -13.86 16.80
CA TYR B 79 3.07 -12.56 17.44
C TYR B 79 1.84 -12.53 18.35
N PRO B 80 2.04 -12.44 19.67
CA PRO B 80 0.91 -12.41 20.61
C PRO B 80 -0.08 -11.29 20.25
N THR B 81 -1.36 -11.61 20.18
CA THR B 81 -2.36 -10.60 19.84
C THR B 81 -2.48 -9.50 20.90
N VAL B 82 -1.97 -9.76 22.09
CA VAL B 82 -2.04 -8.76 23.16
C VAL B 82 -1.03 -7.64 22.92
N ASN B 83 -0.21 -7.78 21.88
CA ASN B 83 0.81 -6.80 21.57
C ASN B 83 0.31 -5.68 20.66
N PHE B 84 -0.83 -5.88 20.03
CA PHE B 84 -1.34 -4.86 19.13
C PHE B 84 -2.85 -4.79 19.12
N SER B 85 -3.40 -3.66 18.67
CA SER B 85 -4.83 -3.48 18.62
C SER B 85 -5.46 -4.29 17.50
N ALA B 86 -6.75 -4.59 17.64
CA ALA B 86 -7.48 -5.39 16.66
C ALA B 86 -7.88 -4.61 15.42
N ASP B 87 -6.91 -4.25 14.60
CA ASP B 87 -7.18 -3.53 13.36
C ASP B 87 -6.11 -3.91 12.34
N LEU B 88 -6.43 -3.79 11.07
CA LEU B 88 -5.50 -4.17 10.01
C LEU B 88 -4.22 -3.35 9.97
N PRO B 89 -4.30 -2.04 10.24
CA PRO B 89 -3.04 -1.29 10.19
C PRO B 89 -2.05 -1.82 11.23
N ALA B 90 -2.54 -2.13 12.43
CA ALA B 90 -1.68 -2.63 13.50
C ALA B 90 -1.11 -3.99 13.12
N LEU B 91 -1.95 -4.80 12.47
CA LEU B 91 -1.53 -6.12 12.02
C LEU B 91 -0.37 -6.01 11.03
N LEU B 92 -0.51 -5.12 10.05
CA LEU B 92 0.53 -4.93 9.05
C LEU B 92 1.83 -4.35 9.62
N VAL B 93 1.71 -3.35 10.48
CA VAL B 93 2.89 -2.75 11.07
C VAL B 93 3.61 -3.76 11.97
N THR B 94 2.84 -4.56 12.69
CA THR B 94 3.43 -5.56 13.58
C THR B 94 4.11 -6.71 12.82
N THR B 95 3.44 -7.24 11.80
CA THR B 95 3.99 -8.36 11.05
C THR B 95 4.87 -8.03 9.84
N PHE B 96 4.80 -6.80 9.35
CA PHE B 96 5.59 -6.45 8.17
C PHE B 96 5.80 -4.95 8.06
N GLY B 97 6.19 -4.33 9.17
CA GLY B 97 6.42 -2.90 9.17
C GLY B 97 7.90 -2.68 8.93
N LYS B 98 8.65 -2.56 10.02
CA LYS B 98 10.09 -2.38 9.92
C LYS B 98 10.70 -3.59 9.22
N LEU B 99 10.08 -4.76 9.42
CA LEU B 99 10.59 -5.98 8.80
C LEU B 99 10.57 -5.92 7.28
N SER B 100 9.63 -5.17 6.71
CA SER B 100 9.55 -5.05 5.26
C SER B 100 10.77 -4.33 4.69
N LEU B 101 11.53 -3.68 5.58
CA LEU B 101 12.72 -2.94 5.19
C LEU B 101 13.99 -3.77 5.39
N ASP B 102 13.85 -4.93 6.03
CA ASP B 102 14.98 -5.78 6.37
C ASP B 102 15.49 -6.70 5.26
N GLY B 103 15.92 -6.12 4.15
CA GLY B 103 16.46 -6.89 3.05
C GLY B 103 15.48 -7.81 2.32
N GLU B 104 15.91 -9.04 2.04
CA GLU B 104 15.05 -9.97 1.33
C GLU B 104 14.12 -10.76 2.23
N VAL B 105 12.95 -10.19 2.48
CA VAL B 105 11.92 -10.80 3.30
C VAL B 105 10.60 -10.57 2.58
N ARG B 106 9.84 -11.63 2.37
CA ARG B 106 8.56 -11.54 1.68
C ARG B 106 7.51 -12.21 2.56
N LEU B 107 6.39 -11.52 2.78
CA LEU B 107 5.30 -12.04 3.59
C LEU B 107 4.44 -12.95 2.73
N LEU B 108 4.37 -14.23 3.10
CA LEU B 108 3.60 -15.20 2.34
C LEU B 108 2.19 -15.45 2.87
N ASP B 109 2.03 -15.43 4.18
CA ASP B 109 0.72 -15.72 4.76
C ASP B 109 0.61 -15.23 6.19
N LEU B 110 -0.63 -15.10 6.65
CA LEU B 110 -0.93 -14.69 8.01
C LEU B 110 -2.03 -15.63 8.48
N GLU B 111 -1.84 -16.21 9.65
CA GLU B 111 -2.82 -17.13 10.21
C GLU B 111 -3.31 -16.51 11.50
N PHE B 112 -4.63 -16.38 11.64
CA PHE B 112 -5.21 -15.77 12.83
C PHE B 112 -5.98 -16.75 13.69
N PRO B 113 -5.91 -16.56 15.02
CA PRO B 113 -6.67 -17.49 15.85
C PRO B 113 -8.14 -17.14 15.58
N ASP B 114 -9.00 -18.15 15.56
CA ASP B 114 -10.40 -17.88 15.27
C ASP B 114 -10.97 -16.72 16.06
N GLU B 115 -10.67 -16.66 17.35
CA GLU B 115 -11.17 -15.59 18.20
C GLU B 115 -10.78 -14.19 17.71
N TRP B 116 -9.61 -14.08 17.08
CA TRP B 116 -9.14 -12.79 16.58
C TRP B 116 -9.90 -12.43 15.30
N LYS B 117 -10.04 -13.41 14.41
CA LYS B 117 -10.75 -13.21 13.15
C LYS B 117 -12.14 -12.64 13.39
N ARG B 118 -12.78 -13.11 14.46
CA ARG B 118 -14.13 -12.66 14.78
C ARG B 118 -14.30 -11.17 15.06
N GLN B 119 -13.18 -10.46 15.21
CA GLN B 119 -13.25 -9.03 15.47
C GLN B 119 -13.30 -8.29 14.13
N PHE B 120 -13.35 -9.07 13.06
CA PHE B 120 -13.40 -8.52 11.71
C PHE B 120 -14.70 -8.98 11.05
N PRO B 121 -15.24 -8.18 10.12
CA PRO B 121 -16.50 -8.45 9.42
C PRO B 121 -16.67 -9.49 8.33
N GLY B 122 -15.69 -9.60 7.44
CA GLY B 122 -15.85 -10.52 6.33
C GLY B 122 -16.84 -9.85 5.40
N PRO B 123 -17.18 -10.47 4.25
CA PRO B 123 -18.14 -9.87 3.31
C PRO B 123 -19.53 -9.74 3.94
N ARG B 124 -20.26 -8.70 3.58
CA ARG B 124 -21.62 -8.51 4.10
C ARG B 124 -22.60 -9.43 3.37
N PHE B 125 -22.35 -9.63 2.07
CA PHE B 125 -23.23 -10.45 1.25
C PHE B 125 -22.57 -11.74 0.77
N GLY B 126 -21.35 -11.64 0.27
CA GLY B 126 -20.67 -12.82 -0.21
C GLY B 126 -21.31 -13.41 -1.46
N ILE B 127 -20.84 -14.56 -1.88
CA ILE B 127 -21.36 -15.20 -3.07
C ILE B 127 -22.88 -15.41 -3.03
N ASP B 128 -23.38 -15.97 -1.93
CA ASP B 128 -24.83 -16.21 -1.81
C ASP B 128 -25.63 -14.92 -1.92
N GLY B 129 -25.21 -13.90 -1.17
CA GLY B 129 -25.90 -12.62 -1.17
C GLY B 129 -25.89 -11.93 -2.52
N ILE B 130 -24.77 -11.99 -3.23
CA ILE B 130 -24.69 -11.37 -4.54
C ILE B 130 -25.57 -12.11 -5.54
N ARG B 131 -25.54 -13.44 -5.49
CA ARG B 131 -26.38 -14.23 -6.40
C ARG B 131 -27.86 -13.89 -6.17
N ASP B 132 -28.26 -13.65 -4.92
CA ASP B 132 -29.64 -13.29 -4.67
C ASP B 132 -29.95 -11.89 -5.16
N ARG B 133 -28.99 -10.97 -5.01
CA ARG B 133 -29.18 -9.60 -5.45
C ARG B 133 -29.37 -9.47 -6.95
N VAL B 134 -28.71 -10.33 -7.73
CA VAL B 134 -28.85 -10.28 -9.18
C VAL B 134 -29.85 -11.33 -9.67
N GLY B 135 -30.22 -12.26 -8.79
CA GLY B 135 -31.19 -13.29 -9.13
C GLY B 135 -30.66 -14.39 -10.02
N VAL B 136 -29.35 -14.62 -9.98
CA VAL B 136 -28.75 -15.65 -10.80
C VAL B 136 -28.08 -16.73 -9.96
N HIS B 137 -28.64 -17.94 -10.05
CA HIS B 137 -28.12 -19.09 -9.32
C HIS B 137 -27.55 -20.11 -10.29
N ASN B 138 -26.69 -20.98 -9.77
CA ASN B 138 -26.07 -22.04 -10.56
C ASN B 138 -24.95 -21.58 -11.48
N ARG B 139 -25.29 -20.93 -12.59
CA ARG B 139 -24.29 -20.49 -13.54
C ARG B 139 -23.37 -19.37 -13.07
N PRO B 140 -22.15 -19.31 -13.61
CA PRO B 140 -21.21 -18.26 -13.23
C PRO B 140 -21.84 -16.94 -13.67
N LEU B 141 -21.50 -15.84 -13.01
CA LEU B 141 -22.04 -14.56 -13.41
C LEU B 141 -21.22 -13.98 -14.55
N LEU B 142 -21.77 -12.97 -15.21
CA LEU B 142 -21.11 -12.32 -16.33
C LEU B 142 -21.09 -10.82 -16.08
N MET B 143 -19.92 -10.20 -16.25
CA MET B 143 -19.80 -8.76 -16.05
C MET B 143 -18.99 -8.11 -17.14
N SER B 144 -19.32 -6.85 -17.41
CA SER B 144 -18.59 -6.10 -18.43
C SER B 144 -18.18 -4.76 -17.85
N ILE B 145 -17.23 -4.10 -18.51
CA ILE B 145 -16.72 -2.82 -18.06
C ILE B 145 -16.96 -1.74 -19.11
N PHE B 146 -17.36 -0.56 -18.66
CA PHE B 146 -17.58 0.58 -19.54
C PHE B 146 -16.29 0.89 -20.31
N LYS B 147 -16.43 1.22 -21.59
CA LYS B 147 -15.29 1.56 -22.44
C LYS B 147 -15.28 3.06 -22.76
N GLY B 148 -14.09 3.66 -22.65
CA GLY B 148 -13.89 5.07 -22.97
C GLY B 148 -14.87 6.10 -22.42
N MET B 149 -15.19 6.01 -21.13
CA MET B 149 -16.13 6.95 -20.53
C MET B 149 -15.52 8.28 -20.07
N ILE B 150 -14.20 8.32 -19.91
CA ILE B 150 -13.57 9.57 -19.47
C ILE B 150 -13.85 10.68 -20.49
N GLY B 151 -14.45 11.77 -20.01
CA GLY B 151 -14.76 12.88 -20.89
C GLY B 151 -16.15 12.83 -21.49
N ARG B 152 -16.87 11.75 -21.25
CA ARG B 152 -18.24 11.56 -21.77
C ARG B 152 -19.30 12.09 -20.82
N ASP B 153 -20.54 12.21 -21.32
CA ASP B 153 -21.65 12.70 -20.51
C ASP B 153 -22.64 11.60 -20.11
N LEU B 154 -23.64 11.99 -19.31
CA LEU B 154 -24.65 11.05 -18.83
C LEU B 154 -25.46 10.34 -19.92
N ALA B 155 -25.73 11.03 -21.03
CA ALA B 155 -26.49 10.43 -22.11
C ALA B 155 -25.68 9.29 -22.71
N TYR B 156 -24.36 9.49 -22.80
CA TYR B 156 -23.50 8.47 -23.36
C TYR B 156 -23.43 7.29 -22.39
N LEU B 157 -23.33 7.60 -21.10
CA LEU B 157 -23.28 6.55 -20.08
C LEU B 157 -24.52 5.67 -20.12
N THR B 158 -25.70 6.29 -20.15
CA THR B 158 -26.93 5.50 -20.18
C THR B 158 -27.07 4.67 -21.46
N SER B 159 -26.67 5.23 -22.59
CA SER B 159 -26.76 4.48 -23.85
C SER B 159 -25.81 3.30 -23.83
N GLU B 160 -24.60 3.51 -23.30
CA GLU B 160 -23.62 2.44 -23.22
C GLU B 160 -24.03 1.40 -22.19
N LEU B 161 -24.65 1.84 -21.12
CA LEU B 161 -25.09 0.93 -20.07
C LEU B 161 -26.18 0.02 -20.62
N LYS B 162 -27.09 0.58 -21.41
CA LYS B 162 -28.17 -0.21 -21.98
C LYS B 162 -27.66 -1.28 -22.94
N LYS B 163 -26.69 -0.92 -23.78
CA LYS B 163 -26.14 -1.87 -24.73
C LYS B 163 -25.55 -3.07 -24.01
N GLN B 164 -24.83 -2.82 -22.92
CA GLN B 164 -24.23 -3.91 -22.17
C GLN B 164 -25.29 -4.80 -21.51
N ALA B 165 -26.32 -4.17 -20.94
CA ALA B 165 -27.38 -4.93 -20.29
C ALA B 165 -28.19 -5.73 -21.31
N LEU B 166 -28.41 -5.16 -22.48
CA LEU B 166 -29.17 -5.84 -23.52
C LEU B 166 -28.39 -7.04 -24.04
N GLY B 167 -27.08 -7.03 -23.78
CA GLY B 167 -26.23 -8.13 -24.20
C GLY B 167 -26.38 -9.29 -23.21
N GLY B 168 -27.08 -9.04 -22.12
CA GLY B 168 -27.31 -10.09 -21.14
C GLY B 168 -26.31 -10.21 -20.00
N VAL B 169 -25.48 -9.20 -19.79
CA VAL B 169 -24.53 -9.30 -18.67
C VAL B 169 -25.30 -9.11 -17.37
N ASP B 170 -24.77 -9.69 -16.29
CA ASP B 170 -25.40 -9.58 -14.98
C ASP B 170 -24.98 -8.31 -14.26
N LEU B 171 -23.78 -7.83 -14.57
CA LEU B 171 -23.27 -6.63 -13.92
C LEU B 171 -22.39 -5.82 -14.85
N VAL B 172 -22.44 -4.50 -14.70
CA VAL B 172 -21.61 -3.60 -15.49
C VAL B 172 -20.90 -2.73 -14.46
N ASP B 174 -18.02 0.55 -13.61
CA ASP B 174 -17.34 1.74 -14.12
C ASP B 174 -15.89 1.28 -14.28
N ASP B 175 -15.14 1.96 -15.12
CA ASP B 175 -13.72 1.67 -15.29
C ASP B 175 -13.12 2.16 -13.96
N GLU B 176 -12.07 1.53 -13.44
CA GLU B 176 -11.54 1.98 -12.16
C GLU B 176 -10.91 3.37 -12.22
N ILE B 177 -10.66 3.86 -13.43
CA ILE B 177 -10.08 5.19 -13.57
C ILE B 177 -11.14 6.24 -13.87
N LEU B 178 -12.41 5.90 -13.66
CA LEU B 178 -13.48 6.88 -13.89
C LEU B 178 -13.71 7.62 -12.58
N PHE B 179 -13.33 8.90 -12.57
CA PHE B 179 -13.49 9.71 -11.37
C PHE B 179 -14.65 10.68 -11.52
N ASP B 180 -15.14 11.19 -10.41
CA ASP B 180 -16.27 12.11 -10.45
C ASP B 180 -15.93 13.40 -11.18
N SER B 181 -16.94 13.94 -11.86
CA SER B 181 -16.77 15.17 -12.61
C SER B 181 -18.12 15.84 -12.78
N GLU B 182 -18.12 17.05 -13.32
CA GLU B 182 -19.36 17.78 -13.54
C GLU B 182 -20.22 17.01 -14.54
N LEU B 183 -19.57 16.40 -15.53
CA LEU B 183 -20.26 15.63 -16.55
C LEU B 183 -20.86 14.34 -16.00
N LEU B 184 -20.10 13.63 -15.18
CA LEU B 184 -20.58 12.38 -14.60
C LEU B 184 -20.50 12.38 -13.08
N PRO B 185 -21.45 13.06 -12.42
CA PRO B 185 -21.45 13.10 -10.96
C PRO B 185 -21.80 11.73 -10.39
N PHE B 186 -21.15 11.37 -9.28
CA PHE B 186 -21.37 10.09 -8.62
C PHE B 186 -22.85 9.75 -8.46
N GLU B 187 -23.62 10.65 -7.83
CA GLU B 187 -25.03 10.38 -7.60
C GLU B 187 -25.85 10.26 -8.88
N LYS B 188 -25.50 11.03 -9.91
CA LYS B 188 -26.22 10.98 -11.18
C LYS B 188 -25.95 9.65 -11.89
N ARG B 189 -24.72 9.15 -11.82
CA ARG B 189 -24.43 7.87 -12.46
C ARG B 189 -25.34 6.82 -11.83
N ILE B 190 -25.50 6.88 -10.52
CA ILE B 190 -26.34 5.93 -9.81
C ILE B 190 -27.82 6.03 -10.22
N THR B 191 -28.39 7.22 -10.14
CA THR B 191 -29.80 7.39 -10.46
C THR B 191 -30.14 7.22 -11.94
N GLU B 192 -29.33 7.80 -12.82
CA GLU B 192 -29.59 7.64 -14.25
C GLU B 192 -29.32 6.20 -14.66
N GLY B 193 -28.29 5.60 -14.08
CA GLY B 193 -27.98 4.21 -14.38
C GLY B 193 -29.10 3.29 -13.95
N LYS B 194 -29.65 3.53 -12.77
CA LYS B 194 -30.74 2.71 -12.27
C LYS B 194 -31.95 2.76 -13.20
N ALA B 195 -32.31 3.96 -13.63
CA ALA B 195 -33.45 4.13 -14.52
C ALA B 195 -33.25 3.36 -15.82
N ALA B 196 -32.04 3.49 -16.39
CA ALA B 196 -31.71 2.80 -17.63
C ALA B 196 -31.80 1.28 -17.48
N LEU B 197 -31.30 0.76 -16.37
CA LEU B 197 -31.33 -0.68 -16.15
C LEU B 197 -32.73 -1.24 -15.93
N GLN B 198 -33.61 -0.45 -15.31
CA GLN B 198 -34.98 -0.92 -15.07
C GLN B 198 -35.73 -0.93 -16.39
N GLU B 199 -35.38 0.00 -17.28
CA GLU B 199 -36.01 0.07 -18.59
C GLU B 199 -35.65 -1.20 -19.35
N VAL B 200 -34.39 -1.64 -19.21
CA VAL B 200 -33.95 -2.84 -19.87
C VAL B 200 -34.68 -4.06 -19.32
N TYR B 201 -34.88 -4.11 -18.00
CA TYR B 201 -35.59 -5.24 -17.41
C TYR B 201 -36.98 -5.29 -18.02
N GLU B 202 -37.61 -4.13 -18.12
CA GLU B 202 -38.95 -4.02 -18.66
C GLU B 202 -39.08 -4.63 -20.05
N GLN B 203 -38.05 -4.49 -20.88
CA GLN B 203 -38.16 -5.03 -22.23
C GLN B 203 -37.63 -6.43 -22.48
N THR B 204 -36.54 -6.83 -21.83
CA THR B 204 -35.98 -8.17 -22.07
C THR B 204 -36.13 -9.14 -20.91
N GLY B 205 -36.50 -8.64 -19.74
CA GLY B 205 -36.65 -9.50 -18.60
C GLY B 205 -35.32 -9.81 -17.92
N LYS B 206 -34.26 -9.13 -18.35
CA LYS B 206 -32.95 -9.36 -17.75
C LYS B 206 -32.65 -8.35 -16.65
N ARG B 207 -32.14 -8.85 -15.53
CA ARG B 207 -31.78 -7.99 -14.41
C ARG B 207 -30.28 -7.76 -14.45
N THR B 208 -29.86 -6.49 -14.45
CA THR B 208 -28.45 -6.13 -14.49
C THR B 208 -28.10 -5.09 -13.44
N LEU B 209 -27.02 -5.34 -12.69
CA LEU B 209 -26.59 -4.42 -11.65
C LEU B 209 -25.46 -3.52 -12.13
N TYR B 210 -25.33 -2.36 -11.51
CA TYR B 210 -24.30 -1.39 -11.86
C TYR B 210 -23.37 -1.15 -10.67
N ALA B 211 -22.09 -1.44 -10.87
CA ALA B 211 -21.07 -1.23 -9.85
C ALA B 211 -20.46 0.13 -10.13
N VAL B 212 -20.77 1.10 -9.28
CA VAL B 212 -20.30 2.47 -9.44
C VAL B 212 -19.03 2.73 -8.65
N ASN B 213 -18.07 3.39 -9.30
CA ASN B 213 -16.79 3.70 -8.67
C ASN B 213 -16.97 4.68 -7.51
N LEU B 214 -16.45 4.30 -6.35
CA LEU B 214 -16.51 5.13 -5.14
C LEU B 214 -15.12 5.71 -4.98
N THR B 215 -14.99 7.00 -5.30
CA THR B 215 -13.68 7.65 -5.23
C THR B 215 -13.67 8.94 -4.41
N GLY B 216 -12.57 9.66 -4.48
CA GLY B 216 -12.44 10.89 -3.72
C GLY B 216 -11.66 10.69 -2.44
N LYS B 217 -11.59 11.75 -1.64
CA LYS B 217 -10.85 11.67 -0.40
C LYS B 217 -11.47 10.71 0.61
N THR B 218 -10.60 10.11 1.40
CA THR B 218 -10.99 9.13 2.40
C THR B 218 -12.12 9.54 3.34
N PHE B 219 -12.00 10.72 3.93
CA PHE B 219 -13.01 11.16 4.88
C PHE B 219 -14.35 11.63 4.31
N ALA B 220 -14.50 11.52 2.99
CA ALA B 220 -15.75 11.88 2.35
C ALA B 220 -16.40 10.61 1.80
N LEU B 221 -15.70 9.48 1.93
CA LEU B 221 -16.20 8.20 1.43
C LEU B 221 -17.48 7.68 2.09
N LYS B 222 -17.54 7.70 3.42
CA LYS B 222 -18.72 7.20 4.09
C LYS B 222 -19.95 8.03 3.81
N ASP B 223 -19.79 9.34 3.70
CA ASP B 223 -20.91 10.22 3.41
C ASP B 223 -21.51 9.91 2.05
N LYS B 224 -20.66 9.77 1.03
CA LYS B 224 -21.19 9.47 -0.30
C LYS B 224 -21.68 8.04 -0.44
N ALA B 225 -21.10 7.11 0.30
CA ALA B 225 -21.54 5.72 0.23
C ALA B 225 -22.93 5.63 0.86
N LYS B 226 -23.16 6.41 1.91
CA LYS B 226 -24.47 6.42 2.57
C LYS B 226 -25.49 6.96 1.57
N ARG B 227 -25.08 8.01 0.85
CA ARG B 227 -25.94 8.61 -0.16
C ARG B 227 -26.22 7.58 -1.24
N ALA B 228 -25.19 6.82 -1.61
CA ALA B 228 -25.36 5.79 -2.63
C ALA B 228 -26.39 4.77 -2.15
N ALA B 229 -26.32 4.40 -0.87
CA ALA B 229 -27.27 3.45 -0.32
C ALA B 229 -28.69 4.01 -0.41
N GLU B 230 -28.84 5.28 -0.03
CA GLU B 230 -30.14 5.95 -0.09
C GLU B 230 -30.69 5.98 -1.51
N LEU B 231 -29.81 6.17 -2.48
CA LEU B 231 -30.18 6.22 -3.88
C LEU B 231 -30.38 4.84 -4.50
N GLY B 232 -30.06 3.79 -3.74
CA GLY B 232 -30.23 2.44 -4.22
C GLY B 232 -29.13 1.88 -5.11
N ALA B 233 -27.90 2.36 -4.92
CA ALA B 233 -26.78 1.87 -5.73
C ALA B 233 -26.71 0.35 -5.56
N ASP B 234 -26.37 -0.35 -6.64
CA ASP B 234 -26.30 -1.82 -6.59
C ASP B 234 -25.02 -2.33 -5.97
N VAL B 235 -23.90 -1.76 -6.41
CA VAL B 235 -22.58 -2.18 -5.94
C VAL B 235 -21.63 -0.99 -5.95
N LEU B 236 -20.71 -0.96 -4.99
CA LEU B 236 -19.71 0.10 -4.93
C LEU B 236 -18.37 -0.49 -5.34
N LEU B 237 -17.78 0.05 -6.40
CA LEU B 237 -16.47 -0.40 -6.88
C LEU B 237 -15.47 0.41 -6.07
N PHE B 238 -14.46 -0.24 -5.51
CA PHE B 238 -13.52 0.47 -4.67
C PHE B 238 -12.05 0.09 -4.90
N ASN B 239 -11.23 1.09 -5.17
CA ASN B 239 -9.79 0.91 -5.40
C ASN B 239 -9.09 0.84 -4.03
N VAL B 240 -9.44 -0.18 -3.25
CA VAL B 240 -8.91 -0.36 -1.91
C VAL B 240 -7.40 -0.17 -1.69
N PHE B 241 -6.57 -0.65 -2.60
CA PHE B 241 -5.14 -0.54 -2.40
C PHE B 241 -4.57 0.88 -2.47
N ALA B 242 -5.38 1.82 -2.94
CA ALA B 242 -4.94 3.21 -3.00
C ALA B 242 -5.39 3.93 -1.73
N TYR B 243 -6.20 3.24 -0.92
CA TYR B 243 -6.75 3.81 0.32
C TYR B 243 -6.32 3.15 1.63
N GLY B 244 -6.11 1.85 1.59
CA GLY B 244 -5.75 1.11 2.80
C GLY B 244 -6.84 0.11 3.10
N LEU B 245 -6.45 -1.09 3.53
CA LEU B 245 -7.43 -2.14 3.83
C LEU B 245 -8.44 -1.73 4.89
N ASP B 246 -7.99 -0.93 5.85
CA ASP B 246 -8.87 -0.49 6.93
C ASP B 246 -10.05 0.32 6.42
N VAL B 247 -9.87 1.05 5.31
CA VAL B 247 -10.97 1.85 4.77
C VAL B 247 -12.05 0.92 4.22
N LEU B 248 -11.63 -0.15 3.57
CA LEU B 248 -12.59 -1.13 3.05
C LEU B 248 -13.39 -1.68 4.23
N GLN B 249 -12.69 -2.02 5.31
CA GLN B 249 -13.38 -2.57 6.48
C GLN B 249 -14.38 -1.56 7.04
N ALA B 250 -14.02 -0.29 7.03
CA ALA B 250 -14.91 0.76 7.56
C ALA B 250 -16.20 0.85 6.75
N LEU B 251 -16.09 0.75 5.43
CA LEU B 251 -17.25 0.80 4.54
C LEU B 251 -18.14 -0.42 4.78
N ARG B 252 -17.52 -1.55 5.04
CA ARG B 252 -18.27 -2.78 5.29
C ARG B 252 -19.00 -2.75 6.62
N GLU B 253 -18.37 -2.16 7.64
CA GLU B 253 -18.97 -2.12 8.96
C GLU B 253 -20.01 -1.03 9.19
N ASP B 254 -20.11 -0.07 8.28
CA ASP B 254 -21.09 1.01 8.45
C ASP B 254 -22.48 0.52 8.06
N GLU B 255 -23.36 0.36 9.04
CA GLU B 255 -24.72 -0.12 8.77
C GLU B 255 -25.56 0.82 7.91
N GLU B 256 -25.14 2.07 7.79
CA GLU B 256 -25.87 3.04 7.00
C GLU B 256 -25.52 2.94 5.52
N ILE B 257 -24.56 2.07 5.20
CA ILE B 257 -24.17 1.87 3.81
C ILE B 257 -24.82 0.55 3.39
N ALA B 258 -24.23 -0.56 3.84
CA ALA B 258 -24.75 -1.89 3.54
C ALA B 258 -25.05 -2.14 2.07
N VAL B 259 -24.07 -1.83 1.23
CA VAL B 259 -24.17 -2.03 -0.20
C VAL B 259 -23.01 -2.95 -0.55
N PRO B 260 -23.20 -3.86 -1.50
CA PRO B 260 -22.10 -4.77 -1.87
C PRO B 260 -20.86 -3.98 -2.27
N ILE B 261 -19.69 -4.52 -1.96
CA ILE B 261 -18.43 -3.86 -2.29
C ILE B 261 -17.57 -4.72 -3.19
N MET B 262 -17.16 -4.15 -4.32
CA MET B 262 -16.32 -4.83 -5.31
C MET B 262 -14.92 -4.24 -5.21
N ALA B 263 -13.95 -5.05 -4.77
CA ALA B 263 -12.58 -4.58 -4.64
C ALA B 263 -11.81 -4.72 -5.95
N HIS B 264 -11.14 -3.64 -6.36
CA HIS B 264 -10.35 -3.65 -7.59
C HIS B 264 -8.88 -3.82 -7.24
N PRO B 265 -8.12 -4.53 -8.09
CA PRO B 265 -6.70 -4.78 -7.85
C PRO B 265 -5.72 -3.64 -8.17
N ALA B 266 -6.23 -2.50 -8.62
CA ALA B 266 -5.36 -1.38 -8.96
C ALA B 266 -4.35 -1.10 -7.84
N PHE B 267 -3.08 -0.97 -8.24
CA PHE B 267 -1.95 -0.71 -7.34
C PHE B 267 -1.46 -1.92 -6.53
N SER B 268 -2.23 -3.01 -6.51
CA SER B 268 -1.77 -4.19 -5.75
C SER B 268 -0.49 -4.74 -6.35
N GLY B 269 -0.26 -4.46 -7.63
CA GLY B 269 0.93 -4.94 -8.32
C GLY B 269 2.22 -4.29 -7.82
N ALA B 270 2.09 -3.23 -7.04
CA ALA B 270 3.28 -2.56 -6.50
C ALA B 270 3.83 -3.39 -5.36
N VAL B 271 3.00 -4.29 -4.84
CA VAL B 271 3.33 -5.13 -3.68
C VAL B 271 3.53 -6.65 -3.89
N THR B 272 2.78 -7.23 -4.81
CA THR B 272 2.79 -8.68 -5.01
C THR B 272 3.74 -9.47 -5.93
N PRO B 273 4.21 -8.89 -7.03
CA PRO B 273 5.08 -9.58 -7.99
C PRO B 273 6.50 -10.09 -7.69
N SER B 274 7.23 -9.41 -6.81
CA SER B 274 8.61 -9.80 -6.51
C SER B 274 8.79 -11.20 -5.94
N GLU B 275 9.92 -11.82 -6.25
CA GLU B 275 10.21 -13.16 -5.73
C GLU B 275 10.84 -13.04 -4.34
N PHE B 276 11.37 -11.87 -4.03
CA PHE B 276 12.07 -11.66 -2.76
C PHE B 276 11.45 -10.69 -1.77
N TYR B 277 10.57 -9.82 -2.25
CA TYR B 277 9.97 -8.81 -1.40
C TYR B 277 8.45 -8.78 -1.51
N GLY B 278 7.84 -7.88 -0.75
CA GLY B 278 6.40 -7.70 -0.80
C GLY B 278 5.52 -8.69 -0.05
N VAL B 279 4.29 -8.81 -0.53
CA VAL B 279 3.30 -9.69 0.08
C VAL B 279 2.68 -10.57 -1.01
N ALA B 280 2.57 -11.86 -0.73
CA ALA B 280 2.01 -12.80 -1.68
C ALA B 280 0.56 -12.46 -2.04
N PRO B 281 0.19 -12.65 -3.31
CA PRO B 281 -1.16 -12.39 -3.83
C PRO B 281 -2.29 -13.08 -3.07
N SER B 282 -2.09 -14.35 -2.68
CA SER B 282 -3.14 -15.07 -1.96
C SER B 282 -3.54 -14.34 -0.68
N LEU B 283 -2.57 -13.68 -0.05
CA LEU B 283 -2.82 -12.94 1.17
C LEU B 283 -3.31 -11.51 0.92
N TRP B 284 -2.58 -10.79 0.07
CA TRP B 284 -2.89 -9.39 -0.22
C TRP B 284 -4.21 -9.18 -0.95
N LEU B 285 -4.49 -10.02 -1.94
CA LEU B 285 -5.74 -9.91 -2.72
C LEU B 285 -6.82 -10.87 -2.25
N GLY B 286 -6.42 -11.97 -1.62
CA GLY B 286 -7.40 -12.94 -1.19
C GLY B 286 -7.84 -12.89 0.26
N LYS B 287 -7.04 -13.50 1.13
CA LYS B 287 -7.36 -13.58 2.55
C LYS B 287 -7.71 -12.25 3.21
N LEU B 288 -6.85 -11.24 3.05
CA LEU B 288 -7.11 -9.96 3.68
C LEU B 288 -8.32 -9.20 3.13
N LEU B 289 -8.54 -9.25 1.83
CA LEU B 289 -9.68 -8.53 1.28
C LEU B 289 -11.00 -9.18 1.72
N ARG B 290 -11.03 -10.50 1.79
CA ARG B 290 -12.23 -11.19 2.23
C ARG B 290 -12.53 -10.80 3.68
N LEU B 291 -11.50 -10.91 4.51
CA LEU B 291 -11.64 -10.58 5.92
C LEU B 291 -12.07 -9.12 6.12
N ALA B 292 -11.56 -8.23 5.29
CA ALA B 292 -11.88 -6.81 5.39
C ALA B 292 -13.31 -6.46 4.96
N GLY B 293 -13.92 -7.30 4.14
CA GLY B 293 -15.29 -7.03 3.73
C GLY B 293 -15.63 -6.98 2.24
N ALA B 294 -14.73 -7.41 1.38
CA ALA B 294 -15.03 -7.38 -0.05
C ALA B 294 -15.98 -8.51 -0.48
N ASP B 295 -17.04 -8.17 -1.20
CA ASP B 295 -17.99 -9.17 -1.69
C ASP B 295 -17.49 -9.77 -3.00
N PHE B 296 -16.72 -8.98 -3.73
CA PHE B 296 -16.12 -9.38 -5.00
C PHE B 296 -14.65 -8.98 -4.93
N VAL B 297 -13.78 -9.78 -5.52
CA VAL B 297 -12.38 -9.42 -5.61
C VAL B 297 -11.92 -9.72 -7.02
N LEU B 298 -11.52 -8.68 -7.75
CA LEU B 298 -11.01 -8.85 -9.10
C LEU B 298 -9.51 -9.02 -8.98
N PHE B 299 -8.94 -9.90 -9.78
CA PHE B 299 -7.51 -10.15 -9.76
C PHE B 299 -7.06 -10.67 -11.11
N PRO B 300 -5.77 -10.50 -11.45
CA PRO B 300 -5.24 -10.96 -12.73
C PRO B 300 -5.50 -12.44 -12.94
N SER B 301 -6.10 -12.79 -14.06
CA SER B 301 -6.39 -14.18 -14.36
C SER B 301 -5.08 -14.82 -14.82
N PRO B 302 -5.06 -16.14 -14.95
CA PRO B 302 -3.81 -16.78 -15.39
C PRO B 302 -3.86 -17.04 -16.89
N TYR B 303 -4.58 -16.20 -17.65
CA TYR B 303 -4.74 -16.40 -19.09
C TYR B 303 -4.21 -15.33 -20.05
N GLY B 304 -4.45 -14.07 -19.77
CA GLY B 304 -4.03 -13.01 -20.68
C GLY B 304 -2.59 -12.53 -20.61
N SER B 305 -2.33 -11.43 -21.31
CA SER B 305 -1.01 -10.82 -21.33
C SER B 305 -0.70 -10.37 -19.90
N VAL B 306 -1.66 -9.67 -19.30
CA VAL B 306 -1.53 -9.21 -17.92
C VAL B 306 -2.12 -10.35 -17.10
N ALA B 307 -1.25 -11.16 -16.48
CA ALA B 307 -1.72 -12.30 -15.72
C ALA B 307 -0.92 -12.65 -14.48
N LEU B 308 -1.27 -13.82 -13.93
CA LEU B 308 -0.63 -14.38 -12.73
C LEU B 308 -0.38 -15.86 -12.97
N GLU B 309 0.64 -16.41 -12.31
CA GLU B 309 0.94 -17.82 -12.45
C GLU B 309 -0.31 -18.56 -11.97
N ARG B 310 -0.66 -19.65 -12.67
CA ARG B 310 -1.85 -20.42 -12.35
C ARG B 310 -2.07 -20.73 -10.87
N GLU B 311 -1.06 -21.29 -10.20
CA GLU B 311 -1.22 -21.61 -8.78
C GLU B 311 -1.47 -20.35 -7.94
N GLN B 312 -0.92 -19.22 -8.39
CA GLN B 312 -1.10 -17.96 -7.68
C GLN B 312 -2.57 -17.54 -7.78
N ALA B 313 -3.11 -17.54 -9.00
CA ALA B 313 -4.50 -17.16 -9.23
C ALA B 313 -5.44 -18.11 -8.48
N LEU B 314 -5.16 -19.40 -8.54
CA LEU B 314 -5.99 -20.39 -7.86
C LEU B 314 -5.90 -20.18 -6.34
N GLY B 315 -4.73 -19.79 -5.86
CA GLY B 315 -4.55 -19.55 -4.44
C GLY B 315 -5.42 -18.40 -3.96
N ILE B 316 -5.58 -17.39 -4.79
CA ILE B 316 -6.41 -16.24 -4.44
C ILE B 316 -7.85 -16.70 -4.34
N ALA B 317 -8.32 -17.42 -5.36
CA ALA B 317 -9.69 -17.91 -5.37
C ALA B 317 -9.98 -18.81 -4.18
N ARG B 318 -9.02 -19.64 -3.80
CA ARG B 318 -9.22 -20.53 -2.66
C ARG B 318 -9.36 -19.73 -1.37
N ALA B 319 -8.52 -18.70 -1.20
CA ALA B 319 -8.59 -17.88 0.01
C ALA B 319 -9.93 -17.14 0.07
N LEU B 320 -10.44 -16.75 -1.08
CA LEU B 320 -11.71 -16.03 -1.13
C LEU B 320 -12.92 -16.91 -0.85
N THR B 321 -12.81 -18.19 -1.17
CA THR B 321 -13.94 -19.12 -1.02
C THR B 321 -13.85 -20.23 0.03
N ASP B 322 -12.71 -20.39 0.66
CA ASP B 322 -12.50 -21.41 1.69
C ASP B 322 -13.63 -21.39 2.73
N ASP B 323 -14.38 -22.48 2.85
CA ASP B 323 -15.49 -22.55 3.78
C ASP B 323 -15.05 -22.76 5.24
N GLN B 324 -13.74 -22.82 5.47
CA GLN B 324 -13.22 -23.00 6.83
C GLN B 324 -13.07 -21.68 7.57
N GLU B 325 -13.33 -20.58 6.88
CA GLU B 325 -13.22 -19.24 7.48
C GLU B 325 -14.56 -18.79 8.04
N PRO B 326 -14.55 -18.01 9.13
CA PRO B 326 -15.76 -17.51 9.76
C PRO B 326 -16.37 -16.34 9.00
N PHE B 327 -16.07 -16.26 7.70
CA PHE B 327 -16.59 -15.18 6.87
C PHE B 327 -17.32 -15.74 5.67
N ALA B 328 -18.22 -14.94 5.11
CA ALA B 328 -18.94 -15.35 3.92
C ALA B 328 -17.88 -15.44 2.82
N ARG B 329 -18.17 -16.19 1.77
CA ARG B 329 -17.23 -16.33 0.66
C ARG B 329 -17.31 -15.09 -0.23
N ALA B 330 -16.17 -14.67 -0.76
CA ALA B 330 -16.12 -13.52 -1.68
C ALA B 330 -16.08 -14.06 -3.10
N PHE B 331 -16.69 -13.35 -4.04
CA PHE B 331 -16.71 -13.78 -5.43
C PHE B 331 -15.35 -13.59 -6.10
N PRO B 332 -14.76 -14.68 -6.64
CA PRO B 332 -13.46 -14.55 -7.31
C PRO B 332 -13.76 -14.06 -8.72
N VAL B 333 -13.05 -13.03 -9.17
CA VAL B 333 -13.27 -12.50 -10.52
C VAL B 333 -11.95 -12.40 -11.30
N PRO B 334 -11.49 -13.53 -11.88
CA PRO B 334 -10.24 -13.49 -12.64
C PRO B 334 -10.43 -12.54 -13.83
N SER B 335 -9.55 -11.55 -13.96
CA SER B 335 -9.72 -10.57 -15.02
C SER B 335 -8.49 -10.32 -15.90
N ALA B 336 -8.74 -9.66 -17.03
CA ALA B 336 -7.73 -9.29 -18.03
C ALA B 336 -7.58 -10.29 -19.17
N GLY B 337 -7.87 -9.85 -20.38
CA GLY B 337 -7.75 -10.69 -21.56
C GLY B 337 -8.90 -11.66 -21.82
N ILE B 338 -9.85 -11.73 -20.90
CA ILE B 338 -10.99 -12.64 -21.04
C ILE B 338 -11.80 -12.47 -22.32
N HIS B 339 -12.16 -13.59 -22.95
CA HIS B 339 -12.99 -13.59 -24.16
C HIS B 339 -13.80 -14.88 -24.11
N PRO B 340 -14.91 -14.96 -24.88
CA PRO B 340 -15.76 -16.17 -24.86
C PRO B 340 -15.04 -17.50 -24.99
N GLY B 341 -13.98 -17.53 -25.80
CA GLY B 341 -13.24 -18.76 -26.00
C GLY B 341 -12.53 -19.28 -24.78
N LEU B 342 -12.49 -18.47 -23.72
CA LEU B 342 -11.84 -18.84 -22.47
C LEU B 342 -12.82 -19.37 -21.41
N VAL B 343 -14.12 -19.22 -21.67
CA VAL B 343 -15.13 -19.65 -20.72
C VAL B 343 -14.99 -21.10 -20.24
N PRO B 344 -14.74 -22.05 -21.17
CA PRO B 344 -14.59 -23.43 -20.69
C PRO B 344 -13.45 -23.58 -19.67
N LEU B 345 -12.32 -22.94 -19.95
CA LEU B 345 -11.17 -23.03 -19.05
C LEU B 345 -11.44 -22.29 -17.73
N ILE B 346 -12.13 -21.16 -17.80
CA ILE B 346 -12.45 -20.42 -16.58
C ILE B 346 -13.27 -21.29 -15.64
N ILE B 347 -14.30 -21.94 -16.18
CA ILE B 347 -15.16 -22.79 -15.37
C ILE B 347 -14.42 -24.04 -14.88
N ARG B 348 -13.54 -24.58 -15.72
CA ARG B 348 -12.78 -25.76 -15.32
C ARG B 348 -11.84 -25.40 -14.16
N ASP B 349 -11.21 -24.23 -14.26
CA ASP B 349 -10.26 -23.78 -13.23
C ASP B 349 -10.86 -23.21 -11.95
N PHE B 350 -11.88 -22.36 -12.10
CA PHE B 350 -12.50 -21.71 -10.95
C PHE B 350 -13.87 -22.20 -10.49
N GLY B 351 -14.48 -23.10 -11.27
CA GLY B 351 -15.79 -23.62 -10.90
C GLY B 351 -16.93 -22.71 -11.29
N LEU B 352 -18.14 -23.05 -10.85
CA LEU B 352 -19.33 -22.27 -11.18
C LEU B 352 -19.48 -21.00 -10.37
N ASP B 353 -18.91 -20.96 -9.16
CA ASP B 353 -19.02 -19.75 -8.36
C ASP B 353 -17.91 -18.76 -8.67
N THR B 354 -17.95 -18.25 -9.88
CA THR B 354 -16.97 -17.28 -10.32
C THR B 354 -17.70 -16.32 -11.24
N ILE B 355 -17.03 -15.24 -11.62
CA ILE B 355 -17.63 -14.27 -12.51
C ILE B 355 -16.74 -14.15 -13.74
N VAL B 356 -17.34 -14.28 -14.90
CA VAL B 356 -16.63 -14.14 -16.16
C VAL B 356 -16.63 -12.64 -16.38
N ASN B 357 -15.45 -12.03 -16.32
CA ASN B 357 -15.32 -10.60 -16.48
C ASN B 357 -14.82 -10.29 -17.88
N ALA B 358 -15.78 -10.05 -18.78
CA ALA B 358 -15.52 -9.74 -20.18
C ALA B 358 -14.75 -8.44 -20.29
N GLY B 359 -14.71 -7.72 -19.17
CA GLY B 359 -14.00 -6.44 -19.15
C GLY B 359 -14.45 -5.50 -20.24
N GLY B 360 -13.54 -4.66 -20.69
CA GLY B 360 -13.85 -3.72 -21.75
C GLY B 360 -13.80 -4.40 -23.10
N GLY B 361 -13.24 -5.60 -23.13
CA GLY B 361 -13.14 -6.34 -24.38
C GLY B 361 -14.49 -6.66 -25.03
N ILE B 362 -15.54 -6.75 -24.22
CA ILE B 362 -16.89 -7.06 -24.69
C ILE B 362 -17.34 -6.11 -25.79
N HIS B 363 -16.82 -4.88 -25.75
CA HIS B 363 -17.15 -3.85 -26.73
C HIS B 363 -16.46 -4.14 -28.06
N GLY B 364 -15.43 -4.99 -28.01
CA GLY B 364 -14.68 -5.33 -29.20
C GLY B 364 -15.32 -6.37 -30.10
N HIS B 365 -16.45 -6.91 -29.68
CA HIS B 365 -17.15 -7.91 -30.48
C HIS B 365 -17.60 -7.23 -31.77
N PRO B 366 -17.56 -7.96 -32.90
CA PRO B 366 -17.98 -7.38 -34.18
C PRO B 366 -19.32 -6.64 -34.14
N ASP B 367 -20.24 -7.11 -33.31
CA ASP B 367 -21.55 -6.48 -33.19
C ASP B 367 -21.72 -5.62 -31.93
N GLY B 368 -20.60 -5.11 -31.41
CA GLY B 368 -20.67 -4.28 -30.23
C GLY B 368 -20.96 -5.03 -28.95
N ALA B 369 -21.16 -4.29 -27.87
CA ALA B 369 -21.44 -4.87 -26.56
C ALA B 369 -22.62 -5.83 -26.53
N ILE B 370 -23.65 -5.59 -27.33
CA ILE B 370 -24.80 -6.50 -27.32
C ILE B 370 -24.37 -7.86 -27.84
N GLY B 371 -23.66 -7.86 -28.96
CA GLY B 371 -23.17 -9.12 -29.51
C GLY B 371 -22.17 -9.77 -28.57
N GLY B 372 -21.32 -8.94 -27.97
CA GLY B 372 -20.32 -9.44 -27.05
C GLY B 372 -20.91 -10.15 -25.85
N GLY B 373 -21.95 -9.56 -25.26
CA GLY B 373 -22.59 -10.17 -24.11
C GLY B 373 -23.31 -11.44 -24.50
N ARG B 374 -23.96 -11.43 -25.67
CA ARG B 374 -24.67 -12.60 -26.15
C ARG B 374 -23.72 -13.76 -26.37
N ALA B 375 -22.52 -13.46 -26.86
CA ALA B 375 -21.52 -14.49 -27.11
C ALA B 375 -21.11 -15.13 -25.79
N PHE B 376 -20.87 -14.31 -24.77
CA PHE B 376 -20.48 -14.82 -23.46
C PHE B 376 -21.57 -15.65 -22.81
N ARG B 377 -22.81 -15.17 -22.85
CA ARG B 377 -23.92 -15.93 -22.26
C ARG B 377 -24.08 -17.26 -22.97
N ALA B 378 -23.95 -17.26 -24.29
CA ALA B 378 -24.08 -18.49 -25.06
C ALA B 378 -22.95 -19.46 -24.71
N ALA B 379 -21.76 -18.94 -24.44
CA ALA B 379 -20.63 -19.80 -24.09
C ALA B 379 -20.86 -20.42 -22.72
N ILE B 380 -21.34 -19.60 -21.77
CA ILE B 380 -21.59 -20.12 -20.43
C ILE B 380 -22.65 -21.23 -20.48
N ASP B 381 -23.74 -20.99 -21.20
CA ASP B 381 -24.81 -21.99 -21.31
C ASP B 381 -24.28 -23.28 -21.93
N ALA B 382 -23.43 -23.13 -22.94
CA ALA B 382 -22.86 -24.28 -23.64
C ALA B 382 -22.13 -25.21 -22.67
N VAL B 383 -21.22 -24.64 -21.88
CA VAL B 383 -20.48 -25.44 -20.91
C VAL B 383 -21.41 -26.09 -19.91
N LEU B 384 -22.43 -25.36 -19.45
CA LEU B 384 -23.37 -25.91 -18.49
C LEU B 384 -24.29 -26.95 -19.11
N ALA B 385 -24.43 -26.90 -20.43
CA ALA B 385 -25.29 -27.84 -21.15
C ALA B 385 -24.48 -29.05 -21.60
N GLY B 386 -23.20 -29.05 -21.25
CA GLY B 386 -22.32 -30.15 -21.61
C GLY B 386 -22.06 -30.22 -23.09
N ARG B 387 -21.78 -29.07 -23.70
CA ARG B 387 -21.51 -28.99 -25.13
C ARG B 387 -20.27 -28.15 -25.39
N PRO B 388 -19.61 -28.39 -26.53
CA PRO B 388 -18.41 -27.62 -26.91
C PRO B 388 -18.89 -26.25 -27.39
N LEU B 389 -18.06 -25.22 -27.20
CA LEU B 389 -18.46 -23.88 -27.64
C LEU B 389 -18.86 -23.86 -29.11
N ARG B 390 -18.11 -24.60 -29.93
CA ARG B 390 -18.41 -24.64 -31.34
C ARG B 390 -19.77 -25.27 -31.66
N ALA B 391 -20.23 -26.16 -30.79
CA ALA B 391 -21.53 -26.78 -31.01
C ALA B 391 -22.60 -25.71 -30.84
N ALA B 392 -22.45 -24.91 -29.79
CA ALA B 392 -23.40 -23.83 -29.52
C ALA B 392 -23.22 -22.70 -30.54
N ALA B 393 -21.99 -22.50 -30.97
CA ALA B 393 -21.68 -21.44 -31.94
C ALA B 393 -22.43 -21.67 -33.24
N ALA B 394 -22.60 -22.94 -33.62
CA ALA B 394 -23.32 -23.27 -34.84
C ALA B 394 -24.78 -22.85 -34.77
N GLU B 395 -25.24 -22.49 -33.57
CA GLU B 395 -26.63 -22.08 -33.37
C GLU B 395 -26.73 -20.64 -32.85
N ASN B 396 -25.59 -20.04 -32.54
CA ASN B 396 -25.58 -18.68 -32.02
C ASN B 396 -24.56 -17.84 -32.78
N GLU B 397 -25.05 -16.95 -33.63
CA GLU B 397 -24.18 -16.11 -34.44
C GLU B 397 -23.22 -15.24 -33.62
N ALA B 398 -23.69 -14.71 -32.50
CA ALA B 398 -22.83 -13.87 -31.66
C ALA B 398 -21.62 -14.69 -31.21
N LEU B 399 -21.87 -15.91 -30.76
CA LEU B 399 -20.79 -16.76 -30.30
C LEU B 399 -19.86 -17.17 -31.45
N GLN B 400 -20.43 -17.46 -32.61
CA GLN B 400 -19.59 -17.84 -33.75
C GLN B 400 -18.65 -16.70 -34.14
N LYS B 401 -19.17 -15.47 -34.15
CA LYS B 401 -18.33 -14.32 -34.50
C LYS B 401 -17.22 -14.14 -33.48
N ALA B 402 -17.52 -14.37 -32.21
CA ALA B 402 -16.51 -14.23 -31.15
C ALA B 402 -15.41 -15.27 -31.34
N ILE B 403 -15.81 -16.49 -31.65
CA ILE B 403 -14.85 -17.57 -31.84
C ILE B 403 -13.99 -17.31 -33.08
N ASP B 404 -14.62 -16.82 -34.15
CA ASP B 404 -13.90 -16.48 -35.37
C ASP B 404 -12.91 -15.37 -35.10
N ARG B 405 -13.28 -14.46 -34.20
CA ARG B 405 -12.46 -13.31 -33.85
C ARG B 405 -11.31 -13.61 -32.90
N TRP B 406 -11.57 -14.35 -31.82
CA TRP B 406 -10.55 -14.65 -30.82
C TRP B 406 -10.21 -16.12 -30.61
N GLY B 407 -10.98 -17.01 -31.24
CA GLY B 407 -10.71 -18.43 -31.12
C GLY B 407 -11.22 -19.08 -29.84
N VAL B 408 -10.91 -20.37 -29.69
CA VAL B 408 -11.32 -21.13 -28.51
C VAL B 408 -10.08 -21.72 -27.86
N VAL B 409 -9.96 -21.55 -26.54
CA VAL B 409 -8.81 -22.08 -25.81
C VAL B 409 -9.10 -23.52 -25.41
N GLU B 410 -8.24 -24.44 -25.83
CA GLU B 410 -8.42 -25.85 -25.53
C GLU B 410 -8.37 -26.15 -24.02
N VAL B 411 -9.26 -27.04 -23.57
CA VAL B 411 -9.32 -27.42 -22.17
C VAL B 411 -8.91 -28.87 -21.94
N GLU B 412 -8.73 -29.62 -23.02
CA GLU B 412 -8.34 -31.03 -22.89
C GLU B 412 -6.95 -31.13 -22.26
N ALA B 413 -6.86 -31.86 -21.15
CA ALA B 413 -5.59 -32.03 -20.45
C ALA B 413 -4.61 -32.87 -21.28
#